data_6PLK
#
_entry.id   6PLK
#
_cell.length_a   72.809
_cell.length_b   89.805
_cell.length_c   92.487
_cell.angle_alpha   90.00
_cell.angle_beta   103.96
_cell.angle_gamma   90.00
#
_symmetry.space_group_name_H-M   'P 1 21 1'
#
loop_
_entity.id
_entity.type
_entity.pdbx_description
1 polymer 'ZIKV-116 heavy chain'
2 polymer 'ZIKV-116 light chain'
3 polymer Env
4 water water
#
loop_
_entity_poly.entity_id
_entity_poly.type
_entity_poly.pdbx_seq_one_letter_code
_entity_poly.pdbx_strand_id
1 'polypeptide(L)'
;EVQLVQSGRGLVRPGGSLRLSCAASGFTFSNYAMSWVRQGPGMGLEWVSTITADSDSKYYVDSVKGRFTISRDNSKDTLF
LHMTSLRAEDTAVYYCAKDRLSRGVGELYDSWGQGTLVTVSSASFKGPSVFPLAPSSKSTSGGTAALGCLVKDYFPEPVT
VSWNSGALTSGVHTFPAVLQSSGLYSLSSVVTVPSSSLGTQTYICNVNHKPSNTKVDKKVEPKSC
;
H,I
2 'polypeptide(L)'
;DIVMTQSPSTLSASVGDRVTITCRASQSIDVWLAWYQQKPGKAPKLLMYKTSTLQTGVPSRFSGSGSGTEFTLTISSLQT
DDFATYYCQKYDSYPWTFGPGTKVEIKRTAAAPSVFIFPPSDEQLKSGTASVVCLLNNFYPREAKVQWKVDNALQSGNSQ
ESVTEQDSKDSTYSLSSTLTLSKADYEKHKVYACEVTHQGLSSPVTKSFNRGEC
;
L,M
3 'polypeptide(L)'
;MRLKGVSYSLCTAAFTFTKIPAETLHGTVTVEVQYAGTDGPCKVPAQMAVDMQTLTPVGRLITANPVITESTENSKMMLE
LDPPFGDSYIVIGVGEKKITHHWHRSGSTI
;
E,F
#
# COMPACT_ATOMS: atom_id res chain seq x y z
N GLU A 1 12.76 -47.27 2.61
CA GLU A 1 12.08 -46.02 2.25
C GLU A 1 12.74 -45.33 1.07
N VAL A 2 11.97 -44.52 0.35
CA VAL A 2 12.50 -43.77 -0.79
C VAL A 2 13.38 -42.65 -0.28
N GLN A 3 14.58 -42.52 -0.85
CA GLN A 3 15.48 -41.43 -0.54
C GLN A 3 15.93 -40.74 -1.81
N LEU A 4 15.88 -39.40 -1.81
CA LEU A 4 16.36 -38.57 -2.92
C LEU A 4 17.30 -37.54 -2.33
N VAL A 5 18.60 -37.75 -2.50
CA VAL A 5 19.64 -36.93 -1.89
C VAL A 5 20.22 -36.04 -2.99
N GLN A 6 19.99 -34.73 -2.87
CA GLN A 6 20.44 -33.76 -3.87
C GLN A 6 21.79 -33.17 -3.48
N SER A 7 22.44 -32.58 -4.48
CA SER A 7 23.75 -31.98 -4.29
C SER A 7 23.65 -30.68 -3.48
N GLY A 8 24.83 -30.15 -3.13
CA GLY A 8 24.92 -29.04 -2.21
C GLY A 8 24.59 -27.70 -2.83
N ARG A 9 24.51 -26.72 -1.93
CA ARG A 9 24.10 -25.36 -2.29
C ARG A 9 25.03 -24.78 -3.36
N GLY A 10 24.46 -23.98 -4.24
CA GLY A 10 25.21 -23.41 -5.34
C GLY A 10 24.95 -21.92 -5.45
N LEU A 11 26.02 -21.18 -5.72
CA LEU A 11 25.94 -19.74 -5.92
C LEU A 11 26.58 -19.45 -7.26
N VAL A 12 25.87 -18.77 -8.13
CA VAL A 12 26.30 -18.55 -9.50
C VAL A 12 26.21 -17.07 -9.81
N ARG A 13 27.16 -16.57 -10.68
CA ARG A 13 27.03 -15.23 -11.21
C ARG A 13 26.14 -15.24 -12.45
N PRO A 14 25.46 -14.13 -12.73
CA PRO A 14 24.59 -14.08 -13.92
C PRO A 14 25.36 -14.47 -15.18
N GLY A 15 24.74 -15.31 -16.00
CA GLY A 15 25.38 -15.88 -17.16
C GLY A 15 26.13 -17.17 -16.90
N GLY A 16 26.35 -17.55 -15.64
CA GLY A 16 27.12 -18.73 -15.32
C GLY A 16 26.35 -20.03 -15.52
N SER A 17 27.03 -21.12 -15.19
CA SER A 17 26.50 -22.47 -15.36
C SER A 17 26.55 -23.23 -14.04
N LEU A 18 25.76 -24.30 -13.96
CA LEU A 18 25.62 -25.08 -12.75
C LEU A 18 24.98 -26.42 -13.11
N ARG A 19 25.43 -27.48 -12.45
CA ARG A 19 24.85 -28.81 -12.64
C ARG A 19 24.35 -29.32 -11.30
N LEU A 20 23.07 -29.67 -11.26
CA LEU A 20 22.47 -30.25 -10.07
C LEU A 20 22.40 -31.76 -10.24
N SER A 21 22.59 -32.48 -9.13
CA SER A 21 22.50 -33.94 -9.13
C SER A 21 21.57 -34.37 -8.00
N CYS A 22 21.07 -35.60 -8.14
CA CYS A 22 20.10 -36.16 -7.20
C CYS A 22 20.31 -37.66 -7.19
N ALA A 23 20.78 -38.20 -6.07
CA ALA A 23 21.05 -39.63 -5.96
C ALA A 23 19.83 -40.33 -5.35
N ALA A 24 19.29 -41.30 -6.05
CA ALA A 24 18.08 -41.99 -5.64
C ALA A 24 18.39 -43.34 -5.00
N SER A 25 17.52 -43.74 -4.06
CA SER A 25 17.56 -45.08 -3.51
C SER A 25 16.18 -45.41 -2.93
N GLY A 26 15.95 -46.70 -2.70
CA GLY A 26 14.73 -47.17 -2.10
C GLY A 26 13.60 -47.49 -3.06
N PHE A 27 13.87 -47.47 -4.37
CA PHE A 27 12.88 -47.83 -5.38
C PHE A 27 13.63 -48.10 -6.67
N THR A 28 12.92 -48.71 -7.63
CA THR A 28 13.52 -49.09 -8.90
C THR A 28 13.63 -47.85 -9.78
N PHE A 29 14.80 -47.21 -9.71
CA PHE A 29 14.97 -45.88 -10.31
C PHE A 29 14.70 -45.92 -11.82
N SER A 30 15.09 -47.00 -12.48
CA SER A 30 15.01 -47.07 -13.94
C SER A 30 13.59 -47.26 -14.46
N ASN A 31 12.59 -47.40 -13.60
CA ASN A 31 11.21 -47.58 -14.05
C ASN A 31 10.36 -46.33 -13.91
N TYR A 32 10.91 -45.21 -13.44
CA TYR A 32 10.11 -44.02 -13.16
C TYR A 32 10.64 -42.81 -13.93
N ALA A 33 9.72 -42.01 -14.46
CA ALA A 33 10.09 -40.68 -14.91
C ALA A 33 10.47 -39.82 -13.70
N MET A 34 11.38 -38.89 -13.94
CA MET A 34 11.92 -38.02 -12.88
C MET A 34 11.82 -36.56 -13.32
N SER A 35 11.63 -35.68 -12.35
CA SER A 35 11.36 -34.28 -12.66
C SER A 35 12.18 -33.36 -11.76
N TRP A 36 12.33 -32.13 -12.24
CA TRP A 36 12.89 -31.03 -11.46
C TRP A 36 11.79 -29.99 -11.27
N VAL A 37 11.62 -29.52 -10.04
CA VAL A 37 10.63 -28.53 -9.68
C VAL A 37 11.35 -27.49 -8.82
N ARG A 38 11.06 -26.21 -9.06
CA ARG A 38 11.75 -25.17 -8.32
C ARG A 38 10.76 -24.29 -7.59
N GLN A 39 11.24 -23.65 -6.53
CA GLN A 39 10.42 -22.73 -5.74
C GLN A 39 11.27 -21.53 -5.37
N GLY A 40 10.92 -20.38 -5.91
CA GLY A 40 11.66 -19.16 -5.66
C GLY A 40 10.79 -17.94 -5.75
N PRO A 41 11.35 -16.78 -5.40
CA PRO A 41 10.54 -15.55 -5.42
C PRO A 41 10.11 -15.13 -6.81
N GLY A 42 10.93 -15.43 -7.84
CA GLY A 42 10.60 -15.01 -9.19
C GLY A 42 9.45 -15.76 -9.83
N MET A 43 9.23 -17.01 -9.44
CA MET A 43 8.28 -17.86 -10.15
C MET A 43 7.36 -18.69 -9.26
N GLY A 44 7.46 -18.58 -7.92
CA GLY A 44 6.71 -19.47 -7.05
C GLY A 44 7.16 -20.92 -7.20
N LEU A 45 6.24 -21.84 -6.88
CA LEU A 45 6.45 -23.26 -7.14
C LEU A 45 6.17 -23.56 -8.61
N GLU A 46 7.19 -24.05 -9.32
CA GLU A 46 7.12 -24.13 -10.78
C GLU A 46 7.81 -25.40 -11.26
N TRP A 47 7.07 -26.22 -12.01
CA TRP A 47 7.69 -27.34 -12.69
C TRP A 47 8.72 -26.83 -13.70
N VAL A 48 9.82 -27.56 -13.84
CA VAL A 48 10.93 -27.16 -14.70
C VAL A 48 11.14 -28.14 -15.84
N SER A 49 11.28 -29.42 -15.53
CA SER A 49 11.67 -30.39 -16.54
C SER A 49 11.31 -31.80 -16.08
N THR A 50 11.08 -32.67 -17.07
CA THR A 50 10.82 -34.08 -16.82
C THR A 50 11.60 -34.91 -17.83
N ILE A 51 12.04 -36.09 -17.40
CA ILE A 51 12.70 -37.06 -18.28
C ILE A 51 12.08 -38.43 -18.02
N THR A 52 11.72 -39.12 -19.09
CA THR A 52 11.11 -40.44 -18.95
C THR A 52 12.13 -41.46 -18.41
N ALA A 53 11.62 -42.65 -18.09
CA ALA A 53 12.44 -43.68 -17.47
C ALA A 53 13.63 -44.06 -18.34
N ASP A 54 13.46 -44.06 -19.65
CA ASP A 54 14.48 -44.49 -20.60
C ASP A 54 15.18 -43.32 -21.30
N SER A 55 14.98 -42.10 -20.82
CA SER A 55 15.57 -40.87 -21.35
C SER A 55 15.11 -40.57 -22.78
N ASP A 56 14.10 -41.26 -23.28
CA ASP A 56 13.64 -41.06 -24.64
C ASP A 56 12.84 -39.77 -24.81
N SER A 57 12.17 -39.30 -23.76
CA SER A 57 11.37 -38.09 -23.82
C SER A 57 11.86 -37.10 -22.76
N LYS A 58 11.99 -35.84 -23.14
CA LYS A 58 12.40 -34.77 -22.25
C LYS A 58 11.47 -33.58 -22.45
N TYR A 59 11.08 -32.94 -21.35
CA TYR A 59 10.13 -31.85 -21.38
C TYR A 59 10.67 -30.68 -20.58
N TYR A 60 10.32 -29.47 -21.01
CA TYR A 60 10.85 -28.26 -20.42
C TYR A 60 9.79 -27.18 -20.34
N VAL A 61 9.74 -26.48 -19.21
CA VAL A 61 8.97 -25.24 -19.13
C VAL A 61 9.63 -24.21 -20.05
N ASP A 62 8.79 -23.32 -20.62
CA ASP A 62 9.25 -22.49 -21.73
C ASP A 62 10.42 -21.59 -21.35
N SER A 63 10.46 -21.09 -20.11
CA SER A 63 11.50 -20.15 -19.70
C SER A 63 12.89 -20.76 -19.65
N VAL A 64 13.04 -22.08 -19.73
CA VAL A 64 14.35 -22.71 -19.65
C VAL A 64 14.72 -23.46 -20.91
N LYS A 65 13.81 -23.55 -21.89
CA LYS A 65 14.16 -24.18 -23.16
C LYS A 65 15.43 -23.58 -23.73
N GLY A 66 16.37 -24.43 -24.13
CA GLY A 66 17.63 -24.01 -24.68
C GLY A 66 18.70 -23.68 -23.65
N ARG A 67 18.32 -23.43 -22.40
CA ARG A 67 19.27 -23.14 -21.35
C ARG A 67 19.51 -24.31 -20.40
N PHE A 68 18.47 -25.11 -20.14
CA PHE A 68 18.54 -26.23 -19.20
C PHE A 68 18.45 -27.54 -19.97
N THR A 69 19.22 -28.52 -19.53
CA THR A 69 19.18 -29.87 -20.09
C THR A 69 19.07 -30.88 -18.97
N ILE A 70 18.11 -31.80 -19.08
CA ILE A 70 17.87 -32.84 -18.09
C ILE A 70 18.42 -34.15 -18.63
N SER A 71 19.00 -34.95 -17.73
CA SER A 71 19.53 -36.26 -18.09
C SER A 71 19.55 -37.14 -16.85
N ARG A 72 19.86 -38.41 -17.05
CA ARG A 72 19.89 -39.38 -15.96
C ARG A 72 20.88 -40.49 -16.30
N ASP A 73 21.41 -41.13 -15.27
CA ASP A 73 22.26 -42.31 -15.39
C ASP A 73 21.59 -43.43 -14.58
N ASN A 74 20.99 -44.39 -15.28
CA ASN A 74 20.28 -45.45 -14.58
C ASN A 74 21.20 -46.48 -13.96
N SER A 75 22.47 -46.54 -14.37
CA SER A 75 23.41 -47.46 -13.73
C SER A 75 23.88 -46.97 -12.38
N LYS A 76 23.74 -45.68 -12.08
CA LYS A 76 24.05 -45.13 -10.77
C LYS A 76 22.83 -44.56 -10.06
N ASP A 77 21.64 -44.71 -10.63
CA ASP A 77 20.40 -44.19 -10.06
C ASP A 77 20.54 -42.70 -9.72
N THR A 78 20.88 -41.91 -10.73
CA THR A 78 21.15 -40.50 -10.52
C THR A 78 20.47 -39.65 -11.60
N LEU A 79 19.88 -38.54 -11.15
CA LEU A 79 19.22 -37.55 -12.02
C LEU A 79 20.07 -36.28 -12.07
N PHE A 80 20.12 -35.64 -13.25
CA PHE A 80 20.93 -34.45 -13.47
C PHE A 80 20.11 -33.33 -14.09
N LEU A 81 20.48 -32.10 -13.74
CA LEU A 81 19.98 -30.90 -14.42
C LEU A 81 21.18 -30.02 -14.76
N HIS A 82 21.39 -29.74 -16.05
CA HIS A 82 22.51 -28.92 -16.50
C HIS A 82 21.99 -27.52 -16.84
N MET A 83 22.26 -26.56 -15.97
CA MET A 83 21.75 -25.20 -16.12
C MET A 83 22.83 -24.29 -16.66
N THR A 84 22.53 -23.57 -17.74
CA THR A 84 23.45 -22.62 -18.36
C THR A 84 22.72 -21.31 -18.61
N SER A 85 23.52 -20.24 -18.73
CA SER A 85 22.99 -18.88 -18.92
C SER A 85 22.04 -18.49 -17.80
N LEU A 86 22.44 -18.76 -16.57
CA LEU A 86 21.58 -18.51 -15.43
C LEU A 86 21.38 -17.02 -15.21
N ARG A 87 20.13 -16.62 -14.99
CA ARG A 87 19.77 -15.24 -14.74
C ARG A 87 19.34 -15.08 -13.28
N ALA A 88 19.26 -13.82 -12.85
CA ALA A 88 18.88 -13.55 -11.47
C ALA A 88 17.51 -14.12 -11.14
N GLU A 89 16.58 -14.09 -12.10
CA GLU A 89 15.24 -14.60 -11.85
C GLU A 89 15.19 -16.11 -11.70
N ASP A 90 16.28 -16.83 -12.00
CA ASP A 90 16.31 -18.27 -11.78
C ASP A 90 16.57 -18.65 -10.33
N THR A 91 16.82 -17.67 -9.45
CA THR A 91 17.07 -17.96 -8.04
C THR A 91 15.89 -18.68 -7.41
N ALA A 92 16.14 -19.86 -6.85
CA ALA A 92 15.08 -20.69 -6.30
C ALA A 92 15.70 -21.87 -5.54
N VAL A 93 14.85 -22.58 -4.80
CA VAL A 93 15.18 -23.90 -4.29
C VAL A 93 14.76 -24.91 -5.36
N TYR A 94 15.69 -25.76 -5.78
CA TYR A 94 15.43 -26.73 -6.83
C TYR A 94 15.24 -28.11 -6.21
N TYR A 95 14.13 -28.76 -6.56
CA TYR A 95 13.74 -30.04 -5.98
C TYR A 95 13.84 -31.16 -7.01
N CYS A 96 14.40 -32.28 -6.57
CA CYS A 96 14.28 -33.56 -7.24
C CYS A 96 12.92 -34.17 -6.89
N ALA A 97 12.23 -34.73 -7.87
CA ALA A 97 10.91 -35.30 -7.64
C ALA A 97 10.69 -36.57 -8.46
N LYS A 98 10.06 -37.57 -7.83
CA LYS A 98 9.79 -38.86 -8.43
C LYS A 98 8.32 -39.00 -8.80
N ASP A 99 8.06 -39.53 -10.00
CA ASP A 99 6.70 -39.78 -10.48
C ASP A 99 6.03 -40.86 -9.63
N ARG A 100 4.73 -40.69 -9.39
CA ARG A 100 4.00 -41.62 -8.52
C ARG A 100 3.94 -43.02 -9.12
N LEU A 101 3.48 -43.13 -10.36
CA LEU A 101 3.40 -44.42 -11.05
C LEU A 101 4.59 -44.59 -12.01
N SER A 102 4.99 -45.84 -12.19
CA SER A 102 6.08 -46.15 -13.09
C SER A 102 5.69 -45.91 -14.55
N ARG A 103 6.70 -45.70 -15.38
CA ARG A 103 6.54 -45.64 -16.84
C ARG A 103 5.63 -44.49 -17.27
N GLY A 104 5.74 -43.35 -16.61
CA GLY A 104 4.90 -42.21 -16.87
C GLY A 104 5.64 -41.04 -17.50
N VAL A 105 5.05 -39.85 -17.37
CA VAL A 105 5.60 -38.64 -17.97
C VAL A 105 5.70 -37.51 -16.95
N GLY A 106 5.73 -37.86 -15.66
CA GLY A 106 5.91 -36.86 -14.62
C GLY A 106 4.67 -36.11 -14.21
N GLU A 107 3.51 -36.78 -14.20
CA GLU A 107 2.26 -36.10 -13.91
C GLU A 107 2.13 -35.73 -12.42
N LEU A 108 2.46 -36.68 -11.54
CA LEU A 108 2.29 -36.51 -10.09
C LEU A 108 3.54 -36.99 -9.37
N TYR A 109 3.83 -36.37 -8.23
CA TYR A 109 5.07 -36.59 -7.52
C TYR A 109 4.78 -37.04 -6.10
N ASP A 110 5.20 -38.27 -5.76
CA ASP A 110 4.98 -38.80 -4.42
C ASP A 110 6.24 -38.83 -3.57
N SER A 111 7.41 -38.55 -4.14
CA SER A 111 8.62 -38.41 -3.35
C SER A 111 9.43 -37.24 -3.88
N TRP A 112 10.04 -36.48 -2.98
CA TRP A 112 10.81 -35.31 -3.32
C TRP A 112 12.17 -35.36 -2.63
N GLY A 113 13.16 -34.72 -3.23
CA GLY A 113 14.42 -34.50 -2.57
C GLY A 113 14.33 -33.42 -1.53
N GLN A 114 15.42 -33.25 -0.78
CA GLN A 114 15.49 -32.20 0.22
C GLN A 114 15.64 -30.81 -0.37
N GLY A 115 16.02 -30.70 -1.64
CA GLY A 115 16.10 -29.40 -2.27
C GLY A 115 17.49 -28.80 -2.23
N THR A 116 17.80 -28.01 -3.26
CA THR A 116 19.10 -27.35 -3.39
C THR A 116 18.88 -25.87 -3.64
N LEU A 117 19.34 -25.04 -2.72
CA LEU A 117 19.25 -23.59 -2.90
C LEU A 117 20.24 -23.13 -3.95
N VAL A 118 19.73 -22.45 -4.96
CA VAL A 118 20.55 -21.90 -6.04
C VAL A 118 20.30 -20.41 -6.07
N THR A 119 21.32 -19.63 -5.75
CA THR A 119 21.26 -18.18 -5.79
C THR A 119 22.08 -17.69 -6.98
N VAL A 120 21.49 -16.81 -7.78
CA VAL A 120 22.14 -16.23 -8.96
C VAL A 120 22.18 -14.73 -8.73
N SER A 121 23.37 -14.19 -8.50
CA SER A 121 23.51 -12.79 -8.16
C SER A 121 24.93 -12.34 -8.50
N SER A 122 25.04 -11.09 -8.92
CA SER A 122 26.34 -10.51 -9.24
C SER A 122 26.95 -9.79 -8.04
N ALA A 123 26.24 -9.73 -6.92
CA ALA A 123 26.75 -9.09 -5.72
C ALA A 123 28.00 -9.81 -5.22
N SER A 124 28.84 -9.07 -4.50
CA SER A 124 30.06 -9.61 -3.93
C SER A 124 29.81 -10.06 -2.50
N PHE A 125 30.58 -11.06 -2.07
CA PHE A 125 30.56 -11.48 -0.67
C PHE A 125 30.88 -10.29 0.22
N LYS A 126 30.06 -10.11 1.26
CA LYS A 126 30.21 -8.97 2.14
C LYS A 126 29.56 -9.29 3.47
N GLY A 127 30.31 -9.12 4.55
CA GLY A 127 29.78 -9.26 5.88
C GLY A 127 28.91 -8.07 6.22
N PRO A 128 27.96 -8.27 7.14
CA PRO A 128 27.01 -7.20 7.44
C PRO A 128 27.60 -6.12 8.32
N SER A 129 27.04 -4.92 8.16
CA SER A 129 27.26 -3.83 9.10
C SER A 129 26.17 -3.91 10.17
N VAL A 130 26.58 -3.92 11.43
CA VAL A 130 25.66 -4.06 12.55
C VAL A 130 25.56 -2.71 13.25
N PHE A 131 24.34 -2.18 13.32
CA PHE A 131 24.09 -0.91 13.99
C PHE A 131 23.11 -1.11 15.14
N PRO A 132 23.36 -0.47 16.28
CA PRO A 132 22.47 -0.66 17.43
C PRO A 132 21.12 0.00 17.21
N LEU A 133 20.08 -0.63 17.77
CA LEU A 133 18.76 -0.02 17.89
C LEU A 133 18.59 0.26 19.37
N ALA A 134 19.00 1.46 19.78
CA ALA A 134 19.16 1.75 21.19
C ALA A 134 17.81 2.05 21.83
N PRO A 135 17.57 1.57 23.05
CA PRO A 135 16.33 1.88 23.74
C PRO A 135 16.37 3.29 24.32
N SER A 136 15.20 3.91 24.33
CA SER A 136 15.03 5.26 24.84
C SER A 136 13.58 5.40 25.32
N SER A 137 13.18 6.64 25.63
CA SER A 137 11.78 6.89 25.93
C SER A 137 10.86 6.58 24.75
N LYS A 138 11.39 6.62 23.53
CA LYS A 138 10.61 6.31 22.33
C LYS A 138 10.43 4.82 22.10
N SER A 139 11.01 3.97 22.95
CA SER A 139 10.85 2.53 22.83
C SER A 139 10.52 1.88 24.16
N THR A 140 9.97 2.62 25.11
CA THR A 140 9.57 2.08 26.41
C THR A 140 8.07 2.26 26.60
N SER A 141 7.42 1.21 27.09
CA SER A 141 6.00 1.27 27.38
C SER A 141 5.70 0.32 28.53
N GLY A 142 5.21 0.87 29.64
CA GLY A 142 4.81 0.07 30.78
C GLY A 142 5.93 -0.81 31.33
N GLY A 143 7.07 -0.20 31.64
CA GLY A 143 8.21 -0.94 32.12
C GLY A 143 8.86 -1.88 31.14
N THR A 144 8.38 -1.91 29.90
CA THR A 144 8.95 -2.77 28.86
C THR A 144 9.74 -1.91 27.90
N ALA A 145 11.00 -2.27 27.69
CA ALA A 145 11.87 -1.57 26.76
C ALA A 145 12.22 -2.48 25.58
N ALA A 146 12.16 -1.91 24.38
CA ALA A 146 12.55 -2.59 23.16
C ALA A 146 13.92 -2.11 22.72
N LEU A 147 14.81 -3.05 22.38
CA LEU A 147 16.12 -2.73 21.82
C LEU A 147 16.43 -3.77 20.74
N GLY A 148 17.50 -3.53 19.99
CA GLY A 148 17.83 -4.47 18.94
C GLY A 148 19.07 -4.07 18.16
N CYS A 149 19.29 -4.82 17.08
CA CYS A 149 20.44 -4.63 16.19
C CYS A 149 19.96 -4.63 14.75
N LEU A 150 20.41 -3.63 14.00
CA LEU A 150 20.16 -3.55 12.57
C LEU A 150 21.31 -4.23 11.84
N VAL A 151 21.01 -5.28 11.09
CA VAL A 151 22.00 -6.11 10.42
C VAL A 151 21.86 -5.82 8.92
N LYS A 152 22.73 -4.96 8.40
CA LYS A 152 22.50 -4.31 7.12
C LYS A 152 23.58 -4.67 6.11
N ASP A 153 23.17 -4.82 4.85
CA ASP A 153 24.07 -4.95 3.71
C ASP A 153 25.01 -6.15 3.82
N TYR A 154 24.52 -7.34 3.54
CA TYR A 154 25.36 -8.52 3.52
C TYR A 154 24.97 -9.40 2.35
N PHE A 155 25.86 -10.34 2.00
CA PHE A 155 25.61 -11.30 0.94
C PHE A 155 26.62 -12.42 1.07
N PRO A 156 26.21 -13.70 0.94
CA PRO A 156 24.81 -14.07 0.76
C PRO A 156 24.13 -14.43 2.07
N GLU A 157 22.91 -14.97 1.97
CA GLU A 157 22.23 -15.53 3.13
C GLU A 157 22.94 -16.80 3.60
N PRO A 158 22.82 -17.15 4.89
CA PRO A 158 22.07 -16.43 5.92
C PRO A 158 22.97 -15.80 6.98
N VAL A 159 22.37 -15.01 7.86
CA VAL A 159 23.01 -14.65 9.12
C VAL A 159 22.15 -15.22 10.24
N THR A 160 22.80 -15.52 11.36
CA THR A 160 22.12 -15.89 12.59
C THR A 160 22.40 -14.84 13.65
N VAL A 161 21.42 -14.57 14.50
CA VAL A 161 21.58 -13.59 15.56
C VAL A 161 21.20 -14.24 16.88
N SER A 162 22.09 -14.17 17.85
CA SER A 162 21.81 -14.53 19.22
C SER A 162 21.98 -13.32 20.10
N TRP A 163 21.52 -13.42 21.34
CA TRP A 163 21.63 -12.33 22.31
C TRP A 163 22.28 -12.85 23.57
N ASN A 164 23.34 -12.16 24.00
CA ASN A 164 24.11 -12.56 25.18
C ASN A 164 24.58 -14.01 25.08
N SER A 165 25.04 -14.36 23.88
CA SER A 165 25.60 -15.68 23.60
C SER A 165 24.60 -16.79 23.86
N GLY A 166 23.32 -16.50 23.61
CA GLY A 166 22.26 -17.47 23.81
C GLY A 166 21.61 -17.45 25.17
N ALA A 167 22.11 -16.64 26.11
CA ALA A 167 21.49 -16.57 27.43
C ALA A 167 20.14 -15.88 27.39
N LEU A 168 19.89 -15.05 26.38
CA LEU A 168 18.65 -14.30 26.24
C LEU A 168 17.88 -14.85 25.04
N THR A 169 16.73 -15.46 25.30
CA THR A 169 15.96 -16.08 24.24
C THR A 169 14.50 -15.65 24.26
N SER A 170 13.97 -15.36 25.45
CA SER A 170 12.55 -15.03 25.57
C SER A 170 12.32 -13.59 25.12
N GLY A 171 11.39 -13.42 24.17
CA GLY A 171 11.08 -12.11 23.63
C GLY A 171 11.94 -11.67 22.47
N VAL A 172 12.71 -12.57 21.88
CA VAL A 172 13.59 -12.24 20.77
C VAL A 172 12.84 -12.48 19.46
N HIS A 173 12.89 -11.48 18.58
CA HIS A 173 12.30 -11.60 17.25
C HIS A 173 13.34 -11.17 16.23
N THR A 174 13.73 -12.11 15.37
CA THR A 174 14.64 -11.81 14.27
C THR A 174 13.85 -11.92 12.97
N PHE A 175 13.70 -10.80 12.29
CA PHE A 175 12.87 -10.73 11.10
C PHE A 175 13.56 -11.43 9.93
N PRO A 176 12.78 -11.87 8.95
CA PRO A 176 13.38 -12.44 7.73
C PRO A 176 14.12 -11.39 6.93
N ALA A 177 15.19 -11.83 6.27
CA ALA A 177 15.97 -10.93 5.44
C ALA A 177 15.14 -10.43 4.27
N VAL A 178 15.37 -9.16 3.89
CA VAL A 178 14.76 -8.57 2.71
C VAL A 178 15.87 -8.27 1.71
N LEU A 179 15.62 -8.62 0.45
CA LEU A 179 16.56 -8.30 -0.62
C LEU A 179 16.41 -6.83 -0.96
N GLN A 180 17.43 -6.04 -0.66
CA GLN A 180 17.38 -4.60 -0.91
C GLN A 180 17.58 -4.33 -2.40
N SER A 181 17.40 -3.05 -2.76
CA SER A 181 17.55 -2.64 -4.15
C SER A 181 18.95 -2.90 -4.66
N SER A 182 19.96 -2.77 -3.79
CA SER A 182 21.37 -2.88 -4.16
C SER A 182 21.82 -4.32 -4.37
N GLY A 183 20.94 -5.31 -4.21
CA GLY A 183 21.33 -6.70 -4.31
C GLY A 183 21.87 -7.31 -3.04
N LEU A 184 21.86 -6.58 -1.93
CA LEU A 184 22.31 -7.05 -0.63
C LEU A 184 21.12 -7.28 0.29
N TYR A 185 21.33 -8.14 1.28
CA TYR A 185 20.29 -8.47 2.25
C TYR A 185 20.41 -7.58 3.48
N SER A 186 19.30 -7.51 4.24
CA SER A 186 19.25 -6.71 5.44
C SER A 186 18.15 -7.22 6.35
N LEU A 187 18.41 -7.25 7.65
CA LEU A 187 17.39 -7.62 8.62
C LEU A 187 17.64 -6.89 9.93
N SER A 188 16.68 -7.01 10.84
CA SER A 188 16.82 -6.56 12.21
C SER A 188 16.45 -7.69 13.15
N SER A 189 17.05 -7.65 14.34
CA SER A 189 16.69 -8.52 15.44
C SER A 189 16.38 -7.64 16.64
N VAL A 190 15.28 -7.92 17.32
CA VAL A 190 14.85 -7.10 18.45
C VAL A 190 14.52 -8.00 19.63
N VAL A 191 14.45 -7.39 20.80
CA VAL A 191 14.09 -8.10 22.01
C VAL A 191 13.48 -7.10 22.97
N THR A 192 12.54 -7.57 23.78
CA THR A 192 11.93 -6.76 24.84
C THR A 192 12.46 -7.22 26.18
N VAL A 193 12.92 -6.28 26.99
CA VAL A 193 13.47 -6.58 28.31
C VAL A 193 12.84 -5.61 29.30
N PRO A 194 12.96 -5.89 30.60
CA PRO A 194 12.52 -4.91 31.61
C PRO A 194 13.35 -3.64 31.51
N SER A 195 12.67 -2.50 31.46
CA SER A 195 13.37 -1.23 31.38
C SER A 195 14.19 -0.94 32.63
N SER A 196 13.81 -1.53 33.78
CA SER A 196 14.58 -1.37 35.00
C SER A 196 15.95 -2.05 34.91
N SER A 197 16.10 -3.05 34.04
CA SER A 197 17.37 -3.75 33.89
C SER A 197 18.33 -3.04 32.95
N LEU A 198 17.89 -1.96 32.30
CA LEU A 198 18.76 -1.24 31.37
C LEU A 198 19.95 -0.59 32.07
N GLY A 199 19.89 -0.40 33.39
CA GLY A 199 20.98 0.21 34.10
C GLY A 199 22.03 -0.79 34.55
N THR A 200 21.59 -2.02 34.83
CA THR A 200 22.46 -3.02 35.43
C THR A 200 22.84 -4.18 34.51
N GLN A 201 22.03 -4.47 33.49
CA GLN A 201 22.25 -5.62 32.63
C GLN A 201 22.78 -5.18 31.26
N THR A 202 23.78 -5.91 30.77
CA THR A 202 24.37 -5.65 29.47
C THR A 202 23.71 -6.51 28.41
N TYR A 203 23.42 -5.92 27.26
CA TYR A 203 22.77 -6.61 26.15
C TYR A 203 23.65 -6.53 24.91
N ILE A 204 24.01 -7.69 24.37
CA ILE A 204 24.90 -7.80 23.21
C ILE A 204 24.26 -8.73 22.20
N CYS A 205 24.15 -8.29 20.96
CA CYS A 205 23.68 -9.15 19.89
C CYS A 205 24.88 -9.76 19.18
N ASN A 206 24.81 -11.07 18.95
CA ASN A 206 25.90 -11.83 18.36
C ASN A 206 25.48 -12.19 16.95
N VAL A 207 26.01 -11.48 15.97
CA VAL A 207 25.67 -11.69 14.56
C VAL A 207 26.76 -12.55 13.93
N ASN A 208 26.36 -13.71 13.39
CA ASN A 208 27.26 -14.61 12.68
C ASN A 208 26.86 -14.65 11.21
N HIS A 209 27.86 -14.48 10.34
CA HIS A 209 27.66 -14.59 8.89
C HIS A 209 28.55 -15.75 8.43
N LYS A 210 28.00 -16.95 8.48
CA LYS A 210 28.74 -18.15 8.12
C LYS A 210 29.31 -18.14 6.70
N PRO A 211 28.63 -17.64 5.67
CA PRO A 211 29.24 -17.67 4.32
C PRO A 211 30.57 -16.95 4.23
N SER A 212 30.80 -15.95 5.07
CA SER A 212 32.09 -15.26 5.11
C SER A 212 32.92 -15.64 6.32
N ASN A 213 32.40 -16.52 7.17
CA ASN A 213 33.10 -16.95 8.40
C ASN A 213 33.50 -15.75 9.26
N THR A 214 32.59 -14.80 9.37
CA THR A 214 32.80 -13.62 10.21
C THR A 214 31.72 -13.55 11.28
N LYS A 215 31.97 -12.67 12.24
CA LYS A 215 31.11 -12.54 13.41
C LYS A 215 31.26 -11.11 13.93
N VAL A 216 30.14 -10.50 14.31
CA VAL A 216 30.15 -9.15 14.88
C VAL A 216 29.34 -9.19 16.17
N ASP A 217 29.98 -8.80 17.27
CA ASP A 217 29.31 -8.60 18.55
C ASP A 217 29.10 -7.10 18.76
N LYS A 218 27.85 -6.69 18.94
CA LYS A 218 27.50 -5.28 19.08
C LYS A 218 26.80 -5.07 20.42
N LYS A 219 27.36 -4.21 21.25
CA LYS A 219 26.76 -3.84 22.52
C LYS A 219 25.77 -2.70 22.30
N VAL A 220 24.54 -2.89 22.75
CA VAL A 220 23.47 -1.91 22.53
C VAL A 220 23.38 -1.03 23.78
N GLU A 221 23.89 0.20 23.67
CA GLU A 221 23.89 1.14 24.78
C GLU A 221 22.52 1.80 24.91
N PRO A 222 21.96 1.86 26.11
CA PRO A 222 20.69 2.59 26.29
C PRO A 222 20.90 4.08 26.18
N LYS A 223 19.85 4.78 25.75
CA LYS A 223 19.89 6.23 25.65
C LYS A 223 19.37 6.87 26.93
N SER A 224 19.85 8.08 27.19
CA SER A 224 19.42 8.85 28.35
C SER A 224 18.27 9.79 28.02
N CYS A 225 17.73 9.73 26.80
CA CYS A 225 16.61 10.57 26.41
C CYS A 225 15.29 9.81 26.53
N ASP B 1 -1.25 -20.75 -22.59
CA ASP B 1 -1.15 -21.76 -21.55
C ASP B 1 -2.34 -21.69 -20.61
N ILE B 2 -2.63 -22.79 -19.92
CA ILE B 2 -3.68 -22.81 -18.91
C ILE B 2 -3.15 -22.16 -17.64
N VAL B 3 -3.82 -21.12 -17.17
CA VAL B 3 -3.41 -20.40 -15.97
C VAL B 3 -4.12 -20.98 -14.77
N MET B 4 -3.36 -21.35 -13.74
CA MET B 4 -3.88 -21.92 -12.52
C MET B 4 -3.85 -20.85 -11.43
N THR B 5 -5.01 -20.59 -10.82
CA THR B 5 -5.10 -19.66 -9.71
C THR B 5 -5.64 -20.36 -8.48
N GLN B 6 -5.52 -19.69 -7.34
CA GLN B 6 -5.98 -20.22 -6.06
C GLN B 6 -6.55 -19.09 -5.22
N SER B 7 -7.53 -19.44 -4.38
CA SER B 7 -8.21 -18.48 -3.54
C SER B 7 -8.60 -19.15 -2.24
N PRO B 8 -8.39 -18.49 -1.10
CA PRO B 8 -7.69 -17.21 -1.03
C PRO B 8 -6.19 -17.43 -1.02
N SER B 9 -5.38 -16.36 -1.00
CA SER B 9 -3.95 -16.54 -0.85
C SER B 9 -3.57 -16.90 0.58
N THR B 10 -4.36 -16.44 1.56
CA THR B 10 -4.10 -16.72 2.95
C THR B 10 -5.42 -16.66 3.70
N LEU B 11 -5.59 -17.56 4.67
CA LEU B 11 -6.75 -17.53 5.53
C LEU B 11 -6.35 -18.00 6.92
N SER B 12 -7.08 -17.54 7.92
CA SER B 12 -6.90 -17.96 9.29
C SER B 12 -8.06 -18.85 9.71
N ALA B 13 -7.75 -19.93 10.42
CA ALA B 13 -8.76 -20.87 10.87
C ALA B 13 -8.34 -21.43 12.21
N SER B 14 -9.30 -22.05 12.88
CA SER B 14 -9.11 -22.61 14.21
C SER B 14 -9.24 -24.12 14.16
N VAL B 15 -8.66 -24.78 15.17
CA VAL B 15 -8.78 -26.23 15.26
C VAL B 15 -10.25 -26.61 15.36
N GLY B 16 -10.66 -27.58 14.54
CA GLY B 16 -12.04 -28.01 14.47
C GLY B 16 -12.88 -27.31 13.41
N ASP B 17 -12.41 -26.21 12.84
CA ASP B 17 -13.17 -25.49 11.82
C ASP B 17 -13.15 -26.25 10.50
N ARG B 18 -14.19 -26.02 9.71
CA ARG B 18 -14.28 -26.52 8.34
C ARG B 18 -13.61 -25.51 7.42
N VAL B 19 -12.57 -25.94 6.70
CA VAL B 19 -11.77 -25.07 5.85
C VAL B 19 -11.92 -25.53 4.41
N THR B 20 -12.23 -24.59 3.52
CA THR B 20 -12.33 -24.86 2.09
C THR B 20 -11.47 -23.85 1.36
N ILE B 21 -10.66 -24.33 0.42
CA ILE B 21 -9.84 -23.46 -0.42
C ILE B 21 -10.09 -23.84 -1.88
N THR B 22 -9.88 -22.87 -2.76
CA THR B 22 -10.33 -22.96 -4.14
C THR B 22 -9.15 -22.88 -5.09
N CYS B 23 -9.23 -23.67 -6.16
CA CYS B 23 -8.30 -23.65 -7.27
C CYS B 23 -9.10 -23.48 -8.55
N ARG B 24 -8.60 -22.63 -9.47
CA ARG B 24 -9.28 -22.39 -10.75
C ARG B 24 -8.30 -22.55 -11.90
N ALA B 25 -8.83 -23.05 -13.02
CA ALA B 25 -8.09 -23.14 -14.26
C ALA B 25 -8.77 -22.24 -15.31
N SER B 26 -7.94 -21.57 -16.12
CA SER B 26 -8.48 -20.62 -17.08
C SER B 26 -9.30 -21.31 -18.16
N GLN B 27 -8.93 -22.54 -18.52
CA GLN B 27 -9.78 -23.38 -19.34
C GLN B 27 -9.81 -24.78 -18.73
N SER B 28 -10.71 -25.61 -19.24
CA SER B 28 -11.03 -26.86 -18.56
C SER B 28 -9.85 -27.81 -18.56
N ILE B 29 -9.63 -28.46 -17.42
CA ILE B 29 -8.66 -29.53 -17.25
C ILE B 29 -9.34 -30.84 -16.87
N ASP B 30 -10.67 -30.91 -17.01
CA ASP B 30 -11.48 -32.10 -16.76
C ASP B 30 -11.34 -32.47 -15.29
N VAL B 31 -10.76 -33.62 -14.93
CA VAL B 31 -10.65 -34.04 -13.54
C VAL B 31 -9.19 -34.14 -13.09
N TRP B 32 -8.25 -33.77 -13.95
CA TRP B 32 -6.83 -34.02 -13.70
C TRP B 32 -6.24 -32.85 -12.90
N LEU B 33 -6.53 -32.87 -11.60
CA LEU B 33 -6.06 -31.84 -10.68
C LEU B 33 -5.61 -32.52 -9.38
N ALA B 34 -4.43 -32.16 -8.90
CA ALA B 34 -3.87 -32.74 -7.69
C ALA B 34 -3.65 -31.64 -6.65
N TRP B 35 -3.51 -32.07 -5.38
CA TRP B 35 -3.28 -31.17 -4.26
C TRP B 35 -2.05 -31.60 -3.48
N TYR B 36 -1.23 -30.63 -3.10
CA TYR B 36 -0.04 -30.86 -2.28
C TYR B 36 -0.07 -29.99 -1.04
N GLN B 37 0.54 -30.50 0.02
CA GLN B 37 0.74 -29.77 1.26
C GLN B 37 2.23 -29.55 1.50
N GLN B 38 2.59 -28.35 1.94
CA GLN B 38 3.99 -28.02 2.19
C GLN B 38 4.11 -27.23 3.49
N LYS B 39 5.05 -27.71 4.41
CA LYS B 39 5.50 -27.03 5.62
C LYS B 39 6.75 -26.22 5.33
N PRO B 40 7.00 -25.14 6.07
CA PRO B 40 8.19 -24.31 5.80
C PRO B 40 9.47 -25.12 5.97
N GLY B 41 10.37 -24.99 5.00
CA GLY B 41 11.65 -25.68 5.04
C GLY B 41 11.63 -27.12 4.56
N LYS B 42 10.47 -27.64 4.13
CA LYS B 42 10.35 -29.01 3.66
C LYS B 42 9.83 -29.01 2.22
N ALA B 43 9.88 -30.18 1.61
CA ALA B 43 9.32 -30.35 0.28
C ALA B 43 7.81 -30.59 0.38
N PRO B 44 7.06 -30.33 -0.68
CA PRO B 44 5.63 -30.64 -0.67
C PRO B 44 5.38 -32.13 -0.54
N LYS B 45 4.19 -32.46 -0.04
CA LYS B 45 3.72 -33.84 0.07
C LYS B 45 2.42 -33.98 -0.69
N LEU B 46 2.33 -35.02 -1.53
CA LEU B 46 1.11 -35.27 -2.30
C LEU B 46 -0.03 -35.62 -1.36
N LEU B 47 -1.15 -34.89 -1.49
CA LEU B 47 -2.34 -35.11 -0.68
C LEU B 47 -3.43 -35.86 -1.43
N MET B 48 -3.64 -35.53 -2.70
CA MET B 48 -4.86 -35.92 -3.39
C MET B 48 -4.64 -35.76 -4.88
N TYR B 49 -5.26 -36.64 -5.66
CA TYR B 49 -5.17 -36.58 -7.11
C TYR B 49 -6.50 -36.98 -7.72
N LYS B 50 -6.62 -36.76 -9.03
CA LYS B 50 -7.88 -36.96 -9.74
C LYS B 50 -9.02 -36.26 -9.00
N THR B 51 -8.74 -35.03 -8.55
CA THR B 51 -9.70 -34.16 -7.85
C THR B 51 -10.04 -34.65 -6.45
N SER B 52 -10.38 -35.93 -6.28
CA SER B 52 -10.92 -36.38 -5.00
C SER B 52 -10.34 -37.68 -4.46
N THR B 53 -9.32 -38.28 -5.07
CA THR B 53 -8.76 -39.54 -4.58
C THR B 53 -7.63 -39.25 -3.60
N LEU B 54 -7.77 -39.74 -2.37
CA LEU B 54 -6.78 -39.49 -1.34
C LEU B 54 -5.51 -40.30 -1.58
N GLN B 55 -4.36 -39.64 -1.50
CA GLN B 55 -3.08 -40.34 -1.52
C GLN B 55 -2.98 -41.25 -0.29
N THR B 56 -2.22 -42.33 -0.44
CA THR B 56 -2.03 -43.29 0.65
C THR B 56 -1.49 -42.60 1.88
N GLY B 57 -2.10 -42.88 3.04
CA GLY B 57 -1.66 -42.33 4.30
C GLY B 57 -2.23 -40.97 4.65
N VAL B 58 -3.00 -40.37 3.76
CA VAL B 58 -3.60 -39.06 4.03
C VAL B 58 -4.87 -39.26 4.85
N PRO B 59 -5.02 -38.59 5.98
CA PRO B 59 -6.22 -38.77 6.81
C PRO B 59 -7.49 -38.37 6.07
N SER B 60 -8.61 -38.94 6.52
CA SER B 60 -9.88 -38.85 5.81
C SER B 60 -10.60 -37.51 6.01
N ARG B 61 -10.08 -36.62 6.84
CA ARG B 61 -10.67 -35.29 6.95
C ARG B 61 -10.42 -34.46 5.69
N PHE B 62 -9.46 -34.83 4.85
CA PHE B 62 -9.25 -34.14 3.59
C PHE B 62 -10.19 -34.70 2.52
N SER B 63 -10.72 -33.81 1.68
CA SER B 63 -11.54 -34.23 0.56
C SER B 63 -11.49 -33.14 -0.51
N GLY B 64 -11.66 -33.56 -1.76
CA GLY B 64 -11.66 -32.63 -2.88
C GLY B 64 -12.88 -32.81 -3.75
N SER B 65 -13.16 -31.79 -4.53
CA SER B 65 -14.28 -31.84 -5.46
C SER B 65 -14.08 -30.77 -6.53
N GLY B 66 -15.05 -30.66 -7.41
CA GLY B 66 -15.00 -29.75 -8.53
C GLY B 66 -14.83 -30.48 -9.84
N SER B 67 -14.89 -29.70 -10.92
CA SER B 67 -14.73 -30.26 -12.25
C SER B 67 -14.46 -29.15 -13.23
N GLY B 68 -13.62 -29.43 -14.22
CA GLY B 68 -13.38 -28.52 -15.32
C GLY B 68 -12.49 -27.36 -14.99
N THR B 69 -13.06 -26.30 -14.44
CA THR B 69 -12.33 -25.06 -14.18
C THR B 69 -12.32 -24.63 -12.73
N GLU B 70 -13.12 -25.27 -11.86
CA GLU B 70 -13.21 -24.87 -10.46
C GLU B 70 -13.06 -26.10 -9.57
N PHE B 71 -12.14 -26.00 -8.60
CA PHE B 71 -11.84 -27.11 -7.72
C PHE B 71 -11.73 -26.61 -6.28
N THR B 72 -12.09 -27.47 -5.34
CA THR B 72 -11.97 -27.12 -3.93
C THR B 72 -11.27 -28.25 -3.18
N LEU B 73 -10.49 -27.86 -2.18
CA LEU B 73 -9.97 -28.76 -1.17
C LEU B 73 -10.62 -28.41 0.16
N THR B 74 -11.17 -29.41 0.83
CA THR B 74 -11.90 -29.21 2.08
C THR B 74 -11.25 -30.01 3.19
N ILE B 75 -11.08 -29.37 4.35
CA ILE B 75 -10.69 -30.05 5.58
C ILE B 75 -11.90 -29.96 6.50
N SER B 76 -12.50 -31.13 6.81
CA SER B 76 -13.77 -31.14 7.53
C SER B 76 -13.61 -30.60 8.95
N SER B 77 -12.54 -31.01 9.64
CA SER B 77 -12.31 -30.56 11.02
C SER B 77 -10.80 -30.35 11.18
N LEU B 78 -10.38 -29.09 11.17
CA LEU B 78 -8.96 -28.76 11.08
C LEU B 78 -8.21 -29.20 12.34
N GLN B 79 -7.04 -29.80 12.13
CA GLN B 79 -6.16 -30.19 13.22
C GLN B 79 -4.85 -29.41 13.11
N THR B 80 -4.08 -29.43 14.19
CA THR B 80 -2.89 -28.58 14.26
C THR B 80 -1.86 -28.97 13.20
N ASP B 81 -1.80 -30.25 12.82
CA ASP B 81 -0.90 -30.67 11.76
C ASP B 81 -1.25 -30.10 10.39
N ASP B 82 -2.43 -29.49 10.23
CA ASP B 82 -2.89 -29.05 8.92
C ASP B 82 -2.51 -27.60 8.60
N PHE B 83 -1.93 -26.87 9.54
CA PHE B 83 -1.47 -25.52 9.27
C PHE B 83 -0.26 -25.59 8.35
N ALA B 84 -0.43 -25.12 7.11
CA ALA B 84 0.57 -25.29 6.06
C ALA B 84 0.10 -24.50 4.85
N THR B 85 0.89 -24.57 3.78
CA THR B 85 0.52 -24.02 2.50
C THR B 85 0.08 -25.15 1.57
N TYR B 86 -0.95 -24.89 0.77
CA TYR B 86 -1.57 -25.89 -0.08
C TYR B 86 -1.51 -25.43 -1.53
N TYR B 87 -1.04 -26.30 -2.42
CA TYR B 87 -0.93 -26.02 -3.84
C TYR B 87 -1.78 -27.01 -4.62
N CYS B 88 -2.48 -26.51 -5.64
CA CYS B 88 -3.05 -27.39 -6.64
C CYS B 88 -2.09 -27.52 -7.81
N GLN B 89 -2.28 -28.57 -8.61
CA GLN B 89 -1.44 -28.82 -9.77
C GLN B 89 -2.26 -29.53 -10.83
N LYS B 90 -2.24 -29.00 -12.05
CA LYS B 90 -2.94 -29.63 -13.16
C LYS B 90 -2.05 -30.68 -13.80
N TYR B 91 -2.67 -31.72 -14.34
CA TYR B 91 -1.93 -32.69 -15.11
C TYR B 91 -2.78 -33.26 -16.24
N ASP B 92 -3.63 -32.41 -16.82
CA ASP B 92 -4.30 -32.75 -18.08
C ASP B 92 -3.28 -32.97 -19.19
N SER B 93 -2.14 -32.30 -19.11
CA SER B 93 -1.09 -32.29 -20.12
C SER B 93 0.05 -31.45 -19.55
N TYR B 94 1.26 -31.71 -20.03
CA TYR B 94 2.36 -30.84 -19.67
C TYR B 94 2.18 -29.48 -20.34
N PRO B 95 2.71 -28.39 -19.75
CA PRO B 95 3.44 -28.27 -18.49
C PRO B 95 2.59 -28.53 -17.24
N TRP B 96 3.21 -29.14 -16.23
CA TRP B 96 2.53 -29.58 -15.02
C TRP B 96 2.41 -28.41 -14.04
N THR B 97 1.51 -27.49 -14.36
CA THR B 97 1.50 -26.18 -13.73
C THR B 97 0.92 -26.21 -12.33
N PHE B 98 1.69 -25.71 -11.37
CA PHE B 98 1.22 -25.55 -10.00
C PHE B 98 0.48 -24.22 -9.86
N GLY B 99 -0.48 -24.20 -8.94
CA GLY B 99 -1.10 -22.96 -8.53
C GLY B 99 -0.21 -22.19 -7.58
N PRO B 100 -0.62 -20.96 -7.28
CA PRO B 100 0.24 -20.07 -6.47
C PRO B 100 0.27 -20.41 -4.99
N GLY B 101 -0.61 -21.25 -4.50
CA GLY B 101 -0.55 -21.63 -3.11
C GLY B 101 -1.50 -20.84 -2.22
N THR B 102 -2.02 -21.52 -1.21
CA THR B 102 -2.85 -20.91 -0.17
C THR B 102 -2.26 -21.29 1.18
N LYS B 103 -1.99 -20.30 2.02
CA LYS B 103 -1.43 -20.53 3.35
C LYS B 103 -2.55 -20.56 4.37
N VAL B 104 -2.60 -21.62 5.16
CA VAL B 104 -3.59 -21.77 6.24
C VAL B 104 -2.89 -21.43 7.54
N GLU B 105 -3.30 -20.33 8.15
CA GLU B 105 -2.71 -19.82 9.38
C GLU B 105 -3.66 -20.02 10.55
N ILE B 106 -3.13 -19.85 11.75
CA ILE B 106 -3.89 -20.02 12.98
C ILE B 106 -4.66 -18.74 13.28
N LYS B 107 -5.95 -18.88 13.55
CA LYS B 107 -6.81 -17.78 13.96
C LYS B 107 -6.73 -17.58 15.48
N ARG B 108 -6.63 -16.33 15.91
CA ARG B 108 -6.76 -16.01 17.33
C ARG B 108 -7.44 -14.64 17.46
N THR B 109 -7.67 -14.22 18.70
CA THR B 109 -8.30 -12.93 18.95
C THR B 109 -7.33 -11.80 18.64
N ALA B 110 -7.90 -10.64 18.32
CA ALA B 110 -7.11 -9.48 17.96
C ALA B 110 -6.21 -9.05 19.11
N ALA B 111 -4.98 -8.66 18.77
CA ALA B 111 -4.05 -8.14 19.76
C ALA B 111 -3.38 -6.90 19.18
N ALA B 112 -3.49 -5.79 19.91
CA ALA B 112 -2.92 -4.53 19.44
C ALA B 112 -1.39 -4.58 19.49
N PRO B 113 -0.72 -3.94 18.55
CA PRO B 113 0.74 -3.89 18.58
C PRO B 113 1.27 -2.88 19.59
N SER B 114 2.40 -3.23 20.18
CA SER B 114 3.26 -2.25 20.85
C SER B 114 4.15 -1.61 19.80
N VAL B 115 4.17 -0.28 19.77
CA VAL B 115 4.85 0.47 18.72
C VAL B 115 6.09 1.15 19.33
N PHE B 116 7.25 0.93 18.70
CA PHE B 116 8.49 1.56 19.10
C PHE B 116 9.19 2.12 17.87
N ILE B 117 9.89 3.24 18.05
CA ILE B 117 10.63 3.86 16.97
C ILE B 117 12.08 4.06 17.41
N PHE B 118 12.99 3.92 16.44
CA PHE B 118 14.43 3.98 16.69
C PHE B 118 15.07 4.98 15.74
N PRO B 119 15.66 6.05 16.24
CA PRO B 119 16.45 6.94 15.36
C PRO B 119 17.68 6.21 14.85
N PRO B 120 18.22 6.63 13.71
CA PRO B 120 19.46 6.03 13.22
C PRO B 120 20.62 6.26 14.19
N SER B 121 21.53 5.29 14.23
CA SER B 121 22.71 5.42 15.08
C SER B 121 23.70 6.42 14.49
N ASP B 122 24.55 6.98 15.35
CA ASP B 122 25.55 7.94 14.90
C ASP B 122 26.53 7.28 13.94
N GLU B 123 26.94 6.05 14.21
CA GLU B 123 27.90 5.36 13.36
C GLU B 123 27.37 5.22 11.93
N GLN B 124 26.10 4.87 11.77
CA GLN B 124 25.54 4.71 10.43
C GLN B 124 25.51 6.05 9.69
N LEU B 125 25.13 7.12 10.39
CA LEU B 125 25.20 8.45 9.78
C LEU B 125 26.62 8.77 9.31
N LYS B 126 27.64 8.28 10.04
CA LYS B 126 29.01 8.50 9.60
C LYS B 126 29.26 7.84 8.25
N SER B 127 28.61 6.70 7.99
CA SER B 127 28.74 6.04 6.70
C SER B 127 27.93 6.71 5.61
N GLY B 128 27.06 7.66 5.94
CA GLY B 128 26.31 8.40 4.96
C GLY B 128 24.88 7.96 4.73
N THR B 129 24.33 7.08 5.57
CA THR B 129 22.98 6.55 5.39
C THR B 129 22.23 6.63 6.71
N ALA B 130 20.91 6.83 6.64
CA ALA B 130 20.07 6.96 7.82
C ALA B 130 18.91 6.00 7.73
N SER B 131 18.85 5.04 8.65
CA SER B 131 17.76 4.08 8.74
C SER B 131 16.95 4.38 9.99
N VAL B 132 15.66 4.64 9.81
CA VAL B 132 14.72 4.83 10.91
C VAL B 132 13.82 3.60 10.96
N VAL B 133 13.77 2.96 12.11
CA VAL B 133 13.07 1.68 12.28
C VAL B 133 11.85 1.89 13.17
N CYS B 134 10.70 1.42 12.69
CA CYS B 134 9.47 1.38 13.46
C CYS B 134 9.12 -0.08 13.73
N LEU B 135 8.91 -0.42 14.99
CA LEU B 135 8.69 -1.80 15.40
C LEU B 135 7.26 -1.98 15.91
N LEU B 136 6.56 -2.97 15.36
CA LEU B 136 5.23 -3.39 15.81
C LEU B 136 5.37 -4.79 16.41
N ASN B 137 5.19 -4.89 17.72
CA ASN B 137 5.51 -6.12 18.45
C ASN B 137 4.25 -6.83 18.90
N ASN B 138 4.16 -8.13 18.58
CA ASN B 138 3.19 -9.07 19.15
C ASN B 138 1.76 -8.62 18.92
N PHE B 139 1.34 -8.67 17.66
CA PHE B 139 0.00 -8.25 17.29
C PHE B 139 -0.68 -9.30 16.42
N TYR B 140 -1.99 -9.13 16.25
CA TYR B 140 -2.82 -10.00 15.43
C TYR B 140 -4.11 -9.27 15.13
N PRO B 141 -4.63 -9.34 13.89
CA PRO B 141 -4.08 -10.03 12.73
C PRO B 141 -2.93 -9.28 12.08
N ARG B 142 -2.44 -9.81 10.95
CA ARG B 142 -1.21 -9.30 10.34
C ARG B 142 -1.40 -7.93 9.70
N GLU B 143 -2.59 -7.64 9.18
CA GLU B 143 -2.78 -6.41 8.41
C GLU B 143 -2.63 -5.19 9.31
N ALA B 144 -1.78 -4.26 8.87
CA ALA B 144 -1.52 -3.05 9.63
C ALA B 144 -1.09 -1.96 8.66
N LYS B 145 -1.48 -0.73 8.95
CA LYS B 145 -1.05 0.42 8.17
C LYS B 145 0.09 1.11 8.91
N VAL B 146 1.26 1.18 8.28
CA VAL B 146 2.44 1.79 8.85
C VAL B 146 2.85 2.93 7.93
N GLN B 147 2.53 4.17 8.33
CA GLN B 147 2.67 5.35 7.48
C GLN B 147 3.80 6.22 8.02
N TRP B 148 4.85 6.39 7.21
CA TRP B 148 5.97 7.25 7.57
C TRP B 148 5.70 8.69 7.17
N LYS B 149 6.08 9.61 8.04
CA LYS B 149 5.93 11.04 7.80
C LYS B 149 7.21 11.77 8.19
N VAL B 150 7.67 12.66 7.31
CA VAL B 150 8.86 13.48 7.52
C VAL B 150 8.43 14.92 7.34
N ASP B 151 8.39 15.69 8.44
CA ASP B 151 7.85 17.04 8.44
C ASP B 151 6.50 17.10 7.73
N ASN B 152 5.58 16.22 8.15
CA ASN B 152 4.22 16.11 7.64
C ASN B 152 4.13 15.38 6.31
N ALA B 153 5.20 15.40 5.52
CA ALA B 153 5.15 14.83 4.18
C ALA B 153 5.07 13.31 4.27
N LEU B 154 3.97 12.74 3.77
CA LEU B 154 3.82 11.30 3.69
C LEU B 154 4.91 10.72 2.81
N GLN B 155 5.61 9.72 3.33
CA GLN B 155 6.67 9.06 2.58
C GLN B 155 6.10 7.94 1.73
N SER B 156 6.75 7.69 0.59
CA SER B 156 6.30 6.66 -0.33
C SER B 156 7.48 6.19 -1.15
N GLY B 157 7.71 4.88 -1.17
CA GLY B 157 8.75 4.29 -2.00
C GLY B 157 10.13 4.24 -1.37
N ASN B 158 10.29 4.63 -0.11
CA ASN B 158 11.59 4.60 0.52
C ASN B 158 11.59 3.81 1.83
N SER B 159 10.63 2.91 2.01
CA SER B 159 10.59 2.08 3.21
C SER B 159 10.28 0.65 2.81
N GLN B 160 10.66 -0.28 3.70
CA GLN B 160 10.44 -1.70 3.52
C GLN B 160 9.91 -2.30 4.82
N GLU B 161 8.92 -3.18 4.69
CA GLU B 161 8.35 -3.88 5.82
C GLU B 161 8.80 -5.34 5.81
N SER B 162 8.97 -5.89 7.01
CA SER B 162 9.30 -7.29 7.19
C SER B 162 8.50 -7.81 8.38
N VAL B 163 7.95 -9.02 8.23
CA VAL B 163 7.03 -9.61 9.18
C VAL B 163 7.55 -10.98 9.56
N THR B 164 7.45 -11.34 10.84
CA THR B 164 7.83 -12.68 11.28
C THR B 164 6.71 -13.68 10.98
N GLU B 165 7.02 -14.96 11.16
CA GLU B 165 5.99 -15.98 11.17
C GLU B 165 5.24 -15.96 12.49
N GLN B 166 4.08 -16.63 12.51
CA GLN B 166 3.31 -16.68 13.75
C GLN B 166 4.15 -17.28 14.86
N ASP B 167 4.11 -16.63 16.01
CA ASP B 167 4.84 -17.09 17.18
C ASP B 167 4.31 -18.44 17.66
N SER B 168 5.22 -19.35 17.99
CA SER B 168 4.83 -20.70 18.39
C SER B 168 4.06 -20.74 19.70
N LYS B 169 4.18 -19.70 20.53
CA LYS B 169 3.51 -19.69 21.83
C LYS B 169 2.18 -18.96 21.81
N ASP B 170 2.09 -17.79 21.17
CA ASP B 170 0.88 -16.98 21.24
C ASP B 170 0.27 -16.67 19.87
N SER B 171 0.82 -17.21 18.79
CA SER B 171 0.29 -17.05 17.43
C SER B 171 0.28 -15.58 16.96
N THR B 172 1.09 -14.70 17.55
CA THR B 172 1.11 -13.31 17.12
C THR B 172 2.19 -13.08 16.07
N TYR B 173 2.12 -11.90 15.45
CA TYR B 173 3.11 -11.44 14.48
C TYR B 173 3.89 -10.27 15.07
N SER B 174 5.09 -10.06 14.52
CA SER B 174 5.80 -8.81 14.73
C SER B 174 6.22 -8.26 13.37
N LEU B 175 6.36 -6.94 13.29
CA LEU B 175 6.62 -6.27 12.03
C LEU B 175 7.67 -5.18 12.25
N SER B 176 8.58 -5.06 11.31
CA SER B 176 9.53 -3.95 11.27
C SER B 176 9.31 -3.17 9.99
N SER B 177 9.27 -1.84 10.11
CA SER B 177 9.21 -0.95 8.96
C SER B 177 10.42 -0.03 9.03
N THR B 178 11.22 -0.05 7.97
CA THR B 178 12.50 0.65 7.96
C THR B 178 12.45 1.73 6.90
N LEU B 179 12.61 2.98 7.34
CA LEU B 179 12.74 4.12 6.44
C LEU B 179 14.22 4.39 6.19
N THR B 180 14.61 4.45 4.93
CA THR B 180 16.02 4.56 4.54
C THR B 180 16.23 5.85 3.75
N LEU B 181 17.05 6.74 4.29
CA LEU B 181 17.33 8.03 3.70
C LEU B 181 18.83 8.27 3.66
N SER B 182 19.27 9.07 2.69
CA SER B 182 20.66 9.51 2.70
C SER B 182 20.89 10.44 3.90
N LYS B 183 22.16 10.61 4.25
CA LYS B 183 22.52 11.50 5.35
C LYS B 183 22.11 12.93 5.06
N ALA B 184 22.30 13.37 3.82
CA ALA B 184 21.94 14.74 3.45
C ALA B 184 20.46 14.99 3.64
N ASP B 185 19.62 14.07 3.16
CA ASP B 185 18.17 14.24 3.31
C ASP B 185 17.76 14.15 4.78
N TYR B 186 18.34 13.22 5.54
CA TYR B 186 17.99 13.10 6.94
C TYR B 186 18.25 14.39 7.71
N GLU B 187 19.30 15.13 7.33
CA GLU B 187 19.68 16.33 8.05
C GLU B 187 19.00 17.59 7.53
N LYS B 188 18.21 17.49 6.46
CA LYS B 188 17.42 18.61 5.98
C LYS B 188 16.02 18.65 6.61
N HIS B 189 15.73 17.79 7.59
CA HIS B 189 14.40 17.72 8.17
C HIS B 189 14.51 17.50 9.67
N LYS B 190 13.40 17.75 10.37
CA LYS B 190 13.39 17.80 11.82
C LYS B 190 12.59 16.68 12.46
N VAL B 191 11.36 16.43 12.00
CA VAL B 191 10.42 15.56 12.70
C VAL B 191 10.23 14.28 11.89
N TYR B 192 10.44 13.15 12.54
CA TYR B 192 10.23 11.84 11.93
C TYR B 192 9.19 11.08 12.72
N ALA B 193 8.20 10.53 12.02
CA ALA B 193 7.03 9.95 12.67
C ALA B 193 6.55 8.71 11.94
N CYS B 194 6.15 7.71 12.73
CA CYS B 194 5.57 6.46 12.27
C CYS B 194 4.16 6.35 12.87
N GLU B 195 3.13 6.36 12.02
CA GLU B 195 1.75 6.28 12.48
C GLU B 195 1.19 4.90 12.13
N VAL B 196 0.67 4.20 13.15
CA VAL B 196 0.23 2.82 13.00
C VAL B 196 -1.27 2.75 13.17
N THR B 197 -1.93 2.09 12.23
CA THR B 197 -3.36 1.83 12.31
C THR B 197 -3.56 0.32 12.34
N HIS B 198 -4.36 -0.14 13.29
CA HIS B 198 -4.55 -1.57 13.50
C HIS B 198 -5.88 -1.76 14.22
N GLN B 199 -6.59 -2.85 13.87
CA GLN B 199 -7.94 -3.02 14.40
C GLN B 199 -7.95 -3.21 15.91
N GLY B 200 -6.82 -3.62 16.50
CA GLY B 200 -6.71 -3.70 17.94
C GLY B 200 -6.56 -2.37 18.65
N LEU B 201 -6.29 -1.31 17.90
CA LEU B 201 -6.11 0.03 18.45
C LEU B 201 -7.39 0.82 18.26
N SER B 202 -7.83 1.50 19.32
CA SER B 202 -9.03 2.33 19.22
C SER B 202 -8.80 3.57 18.36
N SER B 203 -7.55 3.97 18.17
CA SER B 203 -7.21 5.09 17.31
C SER B 203 -5.75 4.93 16.88
N PRO B 204 -5.35 5.55 15.77
CA PRO B 204 -3.96 5.41 15.31
C PRO B 204 -2.97 5.87 16.36
N VAL B 205 -1.89 5.14 16.48
CA VAL B 205 -0.81 5.44 17.42
C VAL B 205 0.36 6.01 16.64
N THR B 206 0.96 7.07 17.17
CA THR B 206 2.07 7.74 16.50
C THR B 206 3.27 7.80 17.44
N LYS B 207 4.39 7.29 16.98
CA LYS B 207 5.69 7.50 17.61
C LYS B 207 6.48 8.47 16.74
N SER B 208 6.99 9.54 17.36
CA SER B 208 7.76 10.53 16.62
C SER B 208 8.92 11.04 17.48
N PHE B 209 9.93 11.57 16.80
CA PHE B 209 11.07 12.18 17.48
C PHE B 209 11.59 13.34 16.63
N ASN B 210 12.30 14.24 17.30
CA ASN B 210 13.02 15.32 16.63
C ASN B 210 14.47 14.89 16.45
N ARG B 211 14.99 15.09 15.24
CA ARG B 211 16.39 14.76 14.97
C ARG B 211 17.32 15.51 15.92
N GLY B 212 18.29 14.80 16.48
CA GLY B 212 19.32 15.41 17.29
C GLY B 212 18.94 15.69 18.72
N GLU B 213 17.81 15.18 19.20
CA GLU B 213 17.42 15.36 20.59
C GLU B 213 17.73 14.14 21.44
N CYS B 214 18.60 13.26 20.95
CA CYS B 214 19.02 12.08 21.70
C CYS B 214 20.51 11.81 21.51
N VAL C 6 15.58 -37.08 -35.70
CA VAL C 6 14.93 -36.36 -34.62
C VAL C 6 13.54 -36.94 -34.35
N SER C 7 13.36 -37.48 -33.15
CA SER C 7 12.12 -38.13 -32.76
C SER C 7 11.29 -37.21 -31.87
N TYR C 8 10.01 -37.56 -31.72
CA TYR C 8 9.08 -36.79 -30.91
C TYR C 8 8.89 -37.45 -29.55
N SER C 9 8.64 -36.62 -28.54
CA SER C 9 8.38 -37.12 -27.21
C SER C 9 6.99 -37.73 -27.13
N LEU C 10 6.73 -38.47 -26.05
CA LEU C 10 5.43 -39.10 -25.86
C LEU C 10 4.35 -38.03 -25.64
N CYS C 11 3.15 -38.34 -26.10
CA CYS C 11 2.00 -37.49 -25.80
C CYS C 11 1.68 -37.56 -24.31
N THR C 12 1.49 -36.40 -23.68
CA THR C 12 1.23 -36.32 -22.25
C THR C 12 -0.22 -36.01 -21.91
N ALA C 13 -1.08 -35.76 -22.91
CA ALA C 13 -2.48 -35.45 -22.61
C ALA C 13 -3.32 -36.72 -22.67
N ALA C 14 -4.65 -36.56 -22.60
CA ALA C 14 -5.58 -37.67 -22.44
C ALA C 14 -6.17 -38.12 -23.77
N PHE C 15 -6.25 -39.44 -23.95
CA PHE C 15 -6.95 -40.07 -25.07
C PHE C 15 -8.32 -40.58 -24.61
N THR C 16 -9.25 -40.68 -25.57
CA THR C 16 -10.54 -41.31 -25.33
C THR C 16 -10.89 -42.21 -26.51
N PHE C 17 -11.53 -43.34 -26.23
CA PHE C 17 -12.07 -44.17 -27.30
C PHE C 17 -13.31 -43.53 -27.90
N THR C 18 -13.35 -43.42 -29.22
CA THR C 18 -14.54 -42.90 -29.90
C THR C 18 -15.55 -43.99 -30.22
N LYS C 19 -15.08 -45.19 -30.52
CA LYS C 19 -15.97 -46.32 -30.76
C LYS C 19 -15.37 -47.58 -30.17
N ILE C 20 -16.18 -48.62 -30.13
CA ILE C 20 -15.74 -49.91 -29.58
C ILE C 20 -14.69 -50.52 -30.49
N PRO C 21 -13.62 -51.10 -29.95
CA PRO C 21 -12.62 -51.76 -30.80
C PRO C 21 -13.23 -52.83 -31.68
N ALA C 22 -12.67 -52.99 -32.87
CA ALA C 22 -13.21 -53.86 -33.90
C ALA C 22 -12.15 -54.80 -34.42
N GLU C 23 -12.54 -56.06 -34.63
CA GLU C 23 -11.64 -57.06 -35.19
C GLU C 23 -11.64 -56.96 -36.72
N THR C 24 -10.50 -57.26 -37.32
CA THR C 24 -10.32 -57.19 -38.76
C THR C 24 -10.23 -58.60 -39.34
N LEU C 25 -10.06 -58.66 -40.66
CA LEU C 25 -9.92 -59.95 -41.34
C LEU C 25 -8.62 -60.64 -40.94
N HIS C 26 -7.54 -59.87 -40.81
CA HIS C 26 -6.24 -60.42 -40.42
C HIS C 26 -6.20 -60.92 -38.98
N GLY C 27 -7.32 -60.88 -38.26
CA GLY C 27 -7.31 -61.23 -36.85
C GLY C 27 -6.85 -60.14 -35.91
N THR C 28 -6.52 -58.96 -36.44
CA THR C 28 -6.05 -57.84 -35.62
C THR C 28 -7.24 -57.02 -35.11
N VAL C 29 -6.94 -56.08 -34.22
CA VAL C 29 -7.95 -55.20 -33.64
C VAL C 29 -7.62 -53.76 -34.00
N THR C 30 -8.65 -52.97 -34.28
CA THR C 30 -8.51 -51.55 -34.56
C THR C 30 -9.19 -50.73 -33.49
N VAL C 31 -8.63 -49.57 -33.20
CA VAL C 31 -9.04 -48.73 -32.09
C VAL C 31 -9.04 -47.29 -32.59
N GLU C 32 -10.18 -46.62 -32.48
CA GLU C 32 -10.29 -45.23 -32.88
C GLU C 32 -10.32 -44.36 -31.64
N VAL C 33 -9.43 -43.37 -31.60
CA VAL C 33 -9.27 -42.52 -30.43
C VAL C 33 -9.24 -41.06 -30.86
N GLN C 34 -9.61 -40.19 -29.91
CA GLN C 34 -9.37 -38.76 -30.00
C GLN C 34 -8.35 -38.34 -28.95
N TYR C 35 -7.74 -37.18 -29.15
CA TYR C 35 -6.67 -36.67 -28.29
C TYR C 35 -6.99 -35.23 -27.91
N ALA C 36 -6.97 -34.96 -26.60
CA ALA C 36 -7.37 -33.67 -26.05
C ALA C 36 -6.24 -32.66 -26.00
N GLY C 37 -5.01 -33.04 -26.36
CA GLY C 37 -3.86 -32.21 -26.10
C GLY C 37 -3.54 -31.23 -27.21
N THR C 38 -2.83 -30.17 -26.81
CA THR C 38 -2.24 -29.24 -27.76
C THR C 38 -0.72 -29.25 -27.63
N ASP C 39 -0.16 -30.38 -27.17
CA ASP C 39 1.29 -30.52 -26.99
C ASP C 39 1.95 -31.23 -28.17
N GLY C 40 1.30 -31.25 -29.33
CA GLY C 40 1.86 -31.86 -30.52
C GLY C 40 2.92 -30.99 -31.16
N PRO C 41 3.78 -31.59 -32.00
CA PRO C 41 3.80 -33.02 -32.36
C PRO C 41 4.31 -33.94 -31.25
N CYS C 42 3.66 -35.10 -31.07
CA CYS C 42 4.04 -36.05 -30.03
C CYS C 42 3.68 -37.46 -30.47
N LYS C 43 4.31 -38.44 -29.80
CA LYS C 43 4.19 -39.85 -30.17
C LYS C 43 3.10 -40.53 -29.36
N VAL C 44 2.23 -41.28 -30.05
CA VAL C 44 1.09 -41.94 -29.41
C VAL C 44 1.52 -43.26 -28.77
N PRO C 45 1.43 -43.38 -27.44
CA PRO C 45 1.73 -44.68 -26.80
C PRO C 45 0.55 -45.62 -26.93
N ALA C 46 0.83 -46.86 -27.35
CA ALA C 46 -0.19 -47.86 -27.61
C ALA C 46 0.45 -49.24 -27.52
N GLN C 47 -0.21 -50.15 -26.79
CA GLN C 47 0.30 -51.51 -26.62
C GLN C 47 -0.84 -52.41 -26.16
N MET C 48 -0.57 -53.71 -26.18
CA MET C 48 -1.42 -54.70 -25.54
C MET C 48 -0.78 -55.15 -24.23
N ALA C 49 -1.63 -55.47 -23.24
CA ALA C 49 -1.17 -55.90 -21.93
C ALA C 49 -1.94 -57.15 -21.50
N VAL C 50 -1.28 -57.98 -20.69
CA VAL C 50 -1.91 -59.22 -20.22
C VAL C 50 -2.96 -58.93 -19.16
N ASP C 51 -2.68 -57.98 -18.26
CA ASP C 51 -3.62 -57.60 -17.22
C ASP C 51 -3.40 -56.12 -16.90
N MET C 52 -4.37 -55.55 -16.20
CA MET C 52 -4.32 -54.12 -15.90
C MET C 52 -3.40 -53.78 -14.74
N GLN C 53 -3.02 -54.75 -13.90
CA GLN C 53 -2.17 -54.41 -12.79
C GLN C 53 -0.70 -54.43 -13.16
N THR C 54 -0.23 -55.49 -13.83
CA THR C 54 1.18 -55.60 -14.19
C THR C 54 1.50 -54.90 -15.51
N LEU C 55 0.52 -54.76 -16.41
CA LEU C 55 0.69 -54.12 -17.71
C LEU C 55 1.86 -54.73 -18.50
N THR C 56 2.05 -56.03 -18.37
CA THR C 56 3.13 -56.70 -19.10
C THR C 56 2.84 -56.65 -20.59
N PRO C 57 3.77 -56.16 -21.42
CA PRO C 57 3.51 -56.08 -22.85
C PRO C 57 3.37 -57.46 -23.48
N VAL C 58 2.40 -57.56 -24.40
CA VAL C 58 2.23 -58.72 -25.26
C VAL C 58 1.72 -58.21 -26.60
N GLY C 59 1.82 -59.08 -27.61
CA GLY C 59 1.40 -58.64 -28.93
C GLY C 59 2.31 -57.56 -29.48
N ARG C 60 1.75 -56.79 -30.44
CA ARG C 60 2.53 -55.80 -31.16
C ARG C 60 1.62 -54.72 -31.72
N LEU C 61 2.12 -53.49 -31.74
CA LEU C 61 1.48 -52.38 -32.43
C LEU C 61 1.86 -52.41 -33.90
N ILE C 62 0.87 -52.30 -34.78
CA ILE C 62 1.09 -52.41 -36.22
C ILE C 62 1.26 -51.04 -36.86
N THR C 63 0.42 -50.08 -36.48
CA THR C 63 0.47 -48.73 -37.06
C THR C 63 1.87 -48.17 -37.00
N ALA C 64 2.39 -47.74 -38.16
CA ALA C 64 3.80 -47.34 -38.24
C ALA C 64 4.02 -45.88 -37.87
N ASN C 65 3.02 -45.03 -38.07
CA ASN C 65 3.16 -43.59 -37.84
C ASN C 65 2.16 -43.13 -36.77
N PRO C 66 2.34 -43.56 -35.51
CA PRO C 66 1.41 -43.13 -34.44
C PRO C 66 1.92 -41.81 -33.85
N VAL C 67 1.62 -40.73 -34.55
CA VAL C 67 2.09 -39.39 -34.21
C VAL C 67 0.92 -38.42 -34.28
N ILE C 68 0.73 -37.64 -33.22
CA ILE C 68 -0.20 -36.52 -33.23
C ILE C 68 0.55 -35.30 -33.73
N THR C 69 0.00 -34.62 -34.74
CA THR C 69 0.60 -33.40 -35.25
C THR C 69 -0.14 -32.19 -34.70
N GLU C 70 0.42 -31.01 -34.95
CA GLU C 70 -0.22 -29.79 -34.48
C GLU C 70 -1.56 -29.57 -35.16
N SER C 71 -1.74 -30.06 -36.38
CA SER C 71 -2.99 -29.91 -37.11
C SER C 71 -4.01 -31.00 -36.80
N THR C 72 -3.63 -32.02 -36.02
CA THR C 72 -4.55 -33.10 -35.70
C THR C 72 -5.82 -32.58 -35.05
N GLU C 73 -5.67 -31.79 -33.99
CA GLU C 73 -6.78 -31.17 -33.27
C GLU C 73 -7.82 -32.20 -32.86
N ASN C 74 -9.04 -32.08 -33.39
CA ASN C 74 -10.15 -32.92 -33.00
C ASN C 74 -10.38 -34.09 -33.97
N SER C 75 -9.48 -34.30 -34.92
CA SER C 75 -9.65 -35.42 -35.85
C SER C 75 -9.34 -36.74 -35.16
N LYS C 76 -9.84 -37.81 -35.74
CA LYS C 76 -9.78 -39.14 -35.13
C LYS C 76 -8.62 -39.94 -35.71
N MET C 77 -7.97 -40.73 -34.86
CA MET C 77 -6.86 -41.58 -35.25
C MET C 77 -7.23 -43.03 -35.02
N MET C 78 -6.85 -43.90 -35.96
CA MET C 78 -7.05 -45.33 -35.84
C MET C 78 -5.72 -46.00 -35.55
N LEU C 79 -5.69 -46.84 -34.52
CA LEU C 79 -4.52 -47.65 -34.21
C LEU C 79 -4.86 -49.12 -34.43
N GLU C 80 -3.89 -49.87 -34.91
CA GLU C 80 -4.06 -51.29 -35.21
C GLU C 80 -3.01 -52.09 -34.45
N LEU C 81 -3.46 -53.13 -33.74
CA LEU C 81 -2.57 -53.93 -32.92
C LEU C 81 -2.81 -55.41 -33.21
N ASP C 82 -1.76 -56.21 -33.04
CA ASP C 82 -1.83 -57.65 -33.20
C ASP C 82 -1.89 -58.31 -31.83
N PRO C 83 -3.09 -58.61 -31.32
CA PRO C 83 -3.22 -59.06 -29.94
C PRO C 83 -2.90 -60.55 -29.80
N PRO C 84 -2.56 -60.99 -28.60
CA PRO C 84 -2.36 -62.43 -28.38
C PRO C 84 -3.69 -63.16 -28.36
N PHE C 85 -3.60 -64.48 -28.48
CA PHE C 85 -4.78 -65.31 -28.38
C PHE C 85 -5.28 -65.36 -26.94
N GLY C 86 -6.59 -65.24 -26.78
CA GLY C 86 -7.19 -65.21 -25.46
C GLY C 86 -7.50 -63.81 -24.97
N ASP C 87 -7.41 -63.60 -23.65
CA ASP C 87 -7.73 -62.32 -23.03
C ASP C 87 -6.48 -61.44 -22.95
N SER C 88 -6.67 -60.15 -23.24
CA SER C 88 -5.63 -59.14 -23.09
C SER C 88 -6.32 -57.78 -23.01
N TYR C 89 -5.51 -56.73 -22.86
CA TYR C 89 -6.04 -55.39 -22.74
C TYR C 89 -5.36 -54.45 -23.73
N ILE C 90 -6.15 -53.66 -24.43
CA ILE C 90 -5.64 -52.56 -25.24
C ILE C 90 -5.36 -51.38 -24.30
N VAL C 91 -4.14 -50.85 -24.36
CA VAL C 91 -3.72 -49.76 -23.48
C VAL C 91 -3.21 -48.61 -24.34
N ILE C 92 -3.97 -47.51 -24.37
CA ILE C 92 -3.59 -46.32 -25.13
C ILE C 92 -3.12 -45.25 -24.14
N GLY C 93 -1.96 -44.66 -24.42
CA GLY C 93 -1.37 -43.68 -23.53
C GLY C 93 -0.52 -44.30 -22.44
N VAL C 94 0.15 -43.44 -21.67
CA VAL C 94 0.93 -43.84 -20.51
C VAL C 94 0.52 -42.99 -19.31
N GLY C 95 0.93 -43.44 -18.12
CA GLY C 95 0.73 -42.63 -16.93
C GLY C 95 -0.68 -42.68 -16.36
N GLU C 96 -1.05 -41.60 -15.67
CA GLU C 96 -2.28 -41.58 -14.87
C GLU C 96 -3.53 -41.65 -15.74
N LYS C 97 -3.49 -41.10 -16.94
CA LYS C 97 -4.68 -40.94 -17.76
C LYS C 97 -4.82 -42.01 -18.84
N LYS C 98 -4.02 -43.07 -18.79
CA LYS C 98 -4.10 -44.08 -19.84
C LYS C 98 -5.44 -44.80 -19.78
N ILE C 99 -5.92 -45.22 -20.95
CA ILE C 99 -7.21 -45.88 -21.08
C ILE C 99 -6.98 -47.32 -21.50
N THR C 100 -7.88 -48.19 -21.06
CA THR C 100 -7.78 -49.62 -21.33
C THR C 100 -9.12 -50.15 -21.81
N HIS C 101 -9.06 -51.24 -22.57
CA HIS C 101 -10.27 -51.92 -22.99
C HIS C 101 -9.95 -53.40 -23.14
N HIS C 102 -10.79 -54.25 -22.55
CA HIS C 102 -10.59 -55.68 -22.64
C HIS C 102 -10.76 -56.16 -24.08
N TRP C 103 -9.93 -57.12 -24.48
CA TRP C 103 -10.04 -57.72 -25.80
C TRP C 103 -9.87 -59.22 -25.70
N HIS C 104 -10.61 -59.95 -26.54
CA HIS C 104 -10.52 -61.41 -26.61
C HIS C 104 -10.34 -61.82 -28.05
N ARG C 105 -9.23 -62.51 -28.34
CA ARG C 105 -8.95 -63.03 -29.68
C ARG C 105 -9.26 -64.52 -29.70
N SER C 106 -10.24 -64.91 -30.52
CA SER C 106 -10.60 -66.31 -30.65
C SER C 106 -9.51 -67.09 -31.38
N GLY C 107 -9.59 -68.41 -31.24
CA GLY C 107 -8.65 -69.30 -31.91
C GLY C 107 -7.63 -69.88 -30.95
N SER C 108 -6.69 -70.62 -31.52
CA SER C 108 -5.62 -71.25 -30.75
C SER C 108 -4.37 -71.46 -31.61
N GLU D 1 -23.13 41.66 9.38
CA GLU D 1 -22.25 40.50 9.29
C GLU D 1 -21.07 40.79 8.37
N VAL D 2 -19.93 40.18 8.69
CA VAL D 2 -18.77 40.28 7.81
C VAL D 2 -19.01 39.43 6.56
N GLN D 3 -18.69 39.99 5.40
CA GLN D 3 -18.77 39.26 4.14
C GLN D 3 -17.47 39.45 3.36
N LEU D 4 -16.96 38.36 2.80
CA LEU D 4 -15.78 38.38 1.95
C LEU D 4 -16.12 37.61 0.67
N VAL D 5 -16.37 38.35 -0.42
CA VAL D 5 -16.83 37.78 -1.68
C VAL D 5 -15.65 37.71 -2.64
N GLN D 6 -15.22 36.51 -2.97
CA GLN D 6 -14.04 36.31 -3.80
C GLN D 6 -14.42 36.16 -5.26
N SER D 7 -13.43 36.41 -6.12
CA SER D 7 -13.61 36.30 -7.56
C SER D 7 -13.81 34.83 -7.98
N GLY D 8 -14.22 34.65 -9.23
CA GLY D 8 -14.51 33.33 -9.74
C GLY D 8 -13.25 32.54 -10.06
N ARG D 9 -13.47 31.27 -10.40
CA ARG D 9 -12.36 30.34 -10.55
C ARG D 9 -11.45 30.73 -11.72
N GLY D 10 -10.19 30.34 -11.61
CA GLY D 10 -9.22 30.64 -12.64
C GLY D 10 -8.53 29.37 -13.12
N LEU D 11 -8.17 29.39 -14.41
CA LEU D 11 -7.46 28.29 -15.05
C LEU D 11 -6.32 28.87 -15.86
N VAL D 12 -5.10 28.47 -15.54
CA VAL D 12 -3.91 29.07 -16.12
C VAL D 12 -2.98 27.97 -16.57
N ARG D 13 -2.18 28.26 -17.60
CA ARG D 13 -1.10 27.39 -18.01
C ARG D 13 0.14 27.67 -17.15
N PRO D 14 1.02 26.68 -16.98
CA PRO D 14 2.24 26.90 -16.20
C PRO D 14 3.02 28.11 -16.72
N GLY D 15 3.56 28.88 -15.77
CA GLY D 15 4.24 30.12 -16.10
C GLY D 15 3.33 31.32 -16.24
N GLY D 16 2.01 31.11 -16.32
CA GLY D 16 1.08 32.19 -16.57
C GLY D 16 0.88 33.09 -15.36
N SER D 17 -0.13 33.97 -15.50
CA SER D 17 -0.43 34.97 -14.49
C SER D 17 -1.93 34.99 -14.22
N LEU D 18 -2.28 35.45 -13.02
CA LEU D 18 -3.68 35.52 -12.59
C LEU D 18 -3.76 36.48 -11.41
N ARG D 19 -4.90 37.17 -11.30
CA ARG D 19 -5.13 38.12 -10.21
C ARG D 19 -6.41 37.74 -9.48
N LEU D 20 -6.29 37.46 -8.18
CA LEU D 20 -7.44 37.16 -7.33
C LEU D 20 -7.92 38.42 -6.64
N SER D 21 -9.22 38.49 -6.39
CA SER D 21 -9.83 39.65 -5.74
C SER D 21 -10.78 39.19 -4.65
N CYS D 22 -10.98 40.07 -3.67
CA CYS D 22 -11.85 39.76 -2.54
C CYS D 22 -12.54 41.05 -2.12
N ALA D 23 -13.86 41.09 -2.25
CA ALA D 23 -14.65 42.27 -1.92
C ALA D 23 -15.18 42.14 -0.49
N ALA D 24 -14.77 43.05 0.38
CA ALA D 24 -15.13 43.02 1.78
C ALA D 24 -16.31 43.93 2.07
N SER D 25 -17.13 43.51 3.04
CA SER D 25 -18.14 44.40 3.62
C SER D 25 -18.43 43.94 5.04
N GLY D 26 -19.15 44.80 5.77
CA GLY D 26 -19.56 44.48 7.12
C GLY D 26 -18.54 44.78 8.20
N PHE D 27 -17.45 45.45 7.86
CA PHE D 27 -16.46 45.87 8.84
C PHE D 27 -15.59 46.93 8.21
N THR D 28 -14.87 47.67 9.04
CA THR D 28 -14.03 48.77 8.57
C THR D 28 -12.77 48.15 7.98
N PHE D 29 -12.80 47.94 6.66
CA PHE D 29 -11.75 47.19 5.98
C PHE D 29 -10.38 47.82 6.17
N SER D 30 -10.32 49.15 6.22
CA SER D 30 -9.06 49.89 6.33
C SER D 30 -8.37 49.69 7.68
N ASN D 31 -9.02 49.04 8.64
CA ASN D 31 -8.43 48.86 9.96
C ASN D 31 -7.83 47.48 10.18
N TYR D 32 -7.92 46.58 9.21
CA TYR D 32 -7.57 45.18 9.44
C TYR D 32 -6.53 44.69 8.44
N ALA D 33 -5.50 44.02 8.95
CA ALA D 33 -4.64 43.23 8.10
C ALA D 33 -5.46 42.15 7.42
N MET D 34 -5.11 41.84 6.18
CA MET D 34 -5.79 40.83 5.39
C MET D 34 -4.77 39.84 4.87
N SER D 35 -5.20 38.60 4.61
CA SER D 35 -4.29 37.52 4.25
C SER D 35 -4.92 36.63 3.18
N TRP D 36 -4.04 35.87 2.52
CA TRP D 36 -4.44 34.81 1.61
C TRP D 36 -4.00 33.48 2.19
N VAL D 37 -4.92 32.51 2.21
CA VAL D 37 -4.63 31.15 2.66
C VAL D 37 -5.08 30.21 1.55
N ARG D 38 -4.23 29.23 1.22
CA ARG D 38 -4.59 28.26 0.19
C ARG D 38 -4.64 26.86 0.77
N GLN D 39 -5.46 26.02 0.14
CA GLN D 39 -5.65 24.63 0.54
C GLN D 39 -5.68 23.77 -0.72
N GLY D 40 -4.67 22.92 -0.88
CA GLY D 40 -4.61 22.04 -2.01
C GLY D 40 -3.89 20.74 -1.72
N PRO D 41 -3.89 19.82 -2.68
CA PRO D 41 -3.24 18.52 -2.46
C PRO D 41 -1.73 18.60 -2.34
N GLY D 42 -1.11 19.67 -2.82
CA GLY D 42 0.33 19.76 -2.84
C GLY D 42 0.93 20.34 -1.57
N MET D 43 0.12 21.05 -0.79
CA MET D 43 0.61 21.67 0.44
C MET D 43 -0.36 21.60 1.62
N GLY D 44 -1.60 21.12 1.45
CA GLY D 44 -2.54 21.18 2.55
C GLY D 44 -3.01 22.62 2.78
N LEU D 45 -3.45 22.88 4.01
CA LEU D 45 -3.84 24.22 4.43
C LEU D 45 -2.57 25.03 4.71
N GLU D 46 -2.33 26.09 3.93
CA GLU D 46 -1.07 26.82 4.01
C GLU D 46 -1.27 28.33 3.86
N TRP D 47 -0.71 29.09 4.79
CA TRP D 47 -0.74 30.54 4.66
C TRP D 47 0.17 31.00 3.53
N VAL D 48 -0.31 31.97 2.74
CA VAL D 48 0.39 32.43 1.55
C VAL D 48 0.98 33.83 1.76
N SER D 49 0.15 34.79 2.16
CA SER D 49 0.58 36.17 2.18
C SER D 49 -0.33 36.99 3.10
N THR D 50 0.22 38.07 3.63
CA THR D 50 -0.49 39.00 4.50
C THR D 50 -0.09 40.41 4.14
N ILE D 51 -1.03 41.35 4.24
CA ILE D 51 -0.77 42.77 4.06
C ILE D 51 -1.41 43.52 5.23
N THR D 52 -0.66 44.45 5.82
CA THR D 52 -1.19 45.20 6.95
C THR D 52 -2.31 46.15 6.50
N ALA D 53 -2.98 46.72 7.49
CA ALA D 53 -4.09 47.64 7.23
C ALA D 53 -3.65 48.84 6.38
N ASP D 54 -2.45 49.36 6.64
CA ASP D 54 -1.97 50.55 5.96
C ASP D 54 -1.28 50.27 4.64
N SER D 55 -1.23 49.00 4.23
CA SER D 55 -0.65 48.52 2.97
C SER D 55 0.87 48.63 2.90
N ASP D 56 1.53 49.07 3.98
CA ASP D 56 2.97 49.33 3.94
C ASP D 56 3.83 48.13 4.33
N SER D 57 3.25 47.08 4.91
CA SER D 57 4.00 45.86 5.23
C SER D 57 3.34 44.67 4.54
N LYS D 58 4.15 43.87 3.87
CA LYS D 58 3.69 42.68 3.17
C LYS D 58 4.56 41.50 3.56
N TYR D 59 3.94 40.31 3.60
CA TYR D 59 4.61 39.09 4.02
C TYR D 59 4.22 37.97 3.08
N TYR D 60 5.17 37.07 2.79
CA TYR D 60 4.94 36.00 1.84
C TYR D 60 5.56 34.70 2.36
N VAL D 61 4.89 33.59 2.08
CA VAL D 61 5.50 32.29 2.34
C VAL D 61 6.67 32.09 1.37
N ASP D 62 7.67 31.32 1.81
CA ASP D 62 8.92 31.23 1.06
C ASP D 62 8.72 30.72 -0.36
N SER D 63 7.73 29.86 -0.57
CA SER D 63 7.53 29.24 -1.88
C SER D 63 6.84 30.15 -2.90
N VAL D 64 6.53 31.40 -2.55
CA VAL D 64 5.90 32.31 -3.49
C VAL D 64 6.62 33.66 -3.58
N LYS D 65 7.65 33.89 -2.77
CA LYS D 65 8.41 35.13 -2.85
C LYS D 65 8.92 35.36 -4.27
N GLY D 66 8.79 36.60 -4.75
CA GLY D 66 9.19 36.96 -6.09
C GLY D 66 8.22 36.59 -7.19
N ARG D 67 7.23 35.76 -6.90
CA ARG D 67 6.23 35.38 -7.89
C ARG D 67 4.84 35.92 -7.56
N PHE D 68 4.51 36.08 -6.28
CA PHE D 68 3.22 36.59 -5.86
C PHE D 68 3.39 37.99 -5.28
N THR D 69 2.38 38.82 -5.49
CA THR D 69 2.33 40.17 -4.95
C THR D 69 0.95 40.40 -4.38
N ILE D 70 0.89 40.92 -3.16
CA ILE D 70 -0.37 41.22 -2.50
C ILE D 70 -0.57 42.73 -2.49
N SER D 71 -1.80 43.17 -2.69
CA SER D 71 -2.14 44.58 -2.62
C SER D 71 -3.56 44.73 -2.09
N ARG D 72 -3.93 45.97 -1.81
CA ARG D 72 -5.26 46.28 -1.33
C ARG D 72 -5.64 47.68 -1.83
N ASP D 73 -6.94 47.92 -1.91
CA ASP D 73 -7.50 49.23 -2.23
C ASP D 73 -8.46 49.55 -1.10
N ASN D 74 -8.03 50.41 -0.17
CA ASN D 74 -8.86 50.75 0.97
C ASN D 74 -10.06 51.60 0.61
N SER D 75 -10.08 52.19 -0.59
CA SER D 75 -11.26 52.94 -1.01
C SER D 75 -12.34 52.05 -1.62
N LYS D 76 -11.95 50.88 -2.12
CA LYS D 76 -12.89 49.90 -2.66
C LYS D 76 -13.09 48.70 -1.74
N ASP D 77 -12.40 48.67 -0.60
CA ASP D 77 -12.47 47.58 0.38
C ASP D 77 -12.22 46.23 -0.30
N THR D 78 -11.12 46.14 -1.04
CA THR D 78 -10.82 44.96 -1.83
C THR D 78 -9.38 44.53 -1.60
N LEU D 79 -9.20 43.23 -1.41
CA LEU D 79 -7.89 42.59 -1.34
C LEU D 79 -7.58 41.93 -2.68
N PHE D 80 -6.33 42.05 -3.11
CA PHE D 80 -5.86 41.49 -4.37
C PHE D 80 -4.67 40.57 -4.12
N LEU D 81 -4.47 39.65 -5.05
CA LEU D 81 -3.26 38.82 -5.09
C LEU D 81 -2.86 38.65 -6.55
N HIS D 82 -1.71 39.21 -6.92
CA HIS D 82 -1.20 39.08 -8.29
C HIS D 82 -0.23 37.91 -8.32
N MET D 83 -0.65 36.81 -8.95
CA MET D 83 0.16 35.60 -9.05
C MET D 83 0.80 35.54 -10.43
N THR D 84 2.13 35.48 -10.46
CA THR D 84 2.88 35.29 -11.70
C THR D 84 3.76 34.04 -11.58
N SER D 85 4.19 33.54 -12.73
CA SER D 85 5.06 32.36 -12.82
C SER D 85 4.44 31.16 -12.12
N LEU D 86 3.17 30.90 -12.45
CA LEU D 86 2.41 29.87 -11.77
C LEU D 86 2.94 28.47 -12.11
N ARG D 87 3.11 27.66 -11.08
CA ARG D 87 3.48 26.26 -11.21
C ARG D 87 2.28 25.38 -10.93
N ALA D 88 2.36 24.12 -11.39
CA ALA D 88 1.27 23.19 -11.16
C ALA D 88 1.05 22.94 -9.66
N GLU D 89 2.12 23.01 -8.87
CA GLU D 89 2.00 22.85 -7.42
C GLU D 89 1.06 23.88 -6.82
N ASP D 90 0.96 25.07 -7.42
CA ASP D 90 0.13 26.13 -6.89
C ASP D 90 -1.37 25.86 -7.01
N THR D 91 -1.78 24.73 -7.60
CA THR D 91 -3.20 24.39 -7.67
C THR D 91 -3.79 24.23 -6.28
N ALA D 92 -4.82 25.02 -5.97
CA ALA D 92 -5.42 25.04 -4.64
C ALA D 92 -6.70 25.87 -4.67
N VAL D 93 -7.46 25.78 -3.58
CA VAL D 93 -8.52 26.73 -3.30
C VAL D 93 -7.92 27.86 -2.48
N TYR D 94 -8.08 29.10 -2.94
CA TYR D 94 -7.45 30.24 -2.28
C TYR D 94 -8.50 30.97 -1.45
N TYR D 95 -8.17 31.21 -0.18
CA TYR D 95 -9.09 31.84 0.77
C TYR D 95 -8.60 33.23 1.13
N CYS D 96 -9.51 34.19 1.00
CA CYS D 96 -9.40 35.51 1.62
C CYS D 96 -9.68 35.39 3.12
N ALA D 97 -8.87 36.03 3.95
CA ALA D 97 -9.03 35.91 5.41
C ALA D 97 -8.78 37.23 6.12
N LYS D 98 -9.71 37.62 6.99
CA LYS D 98 -9.64 38.82 7.81
C LYS D 98 -9.00 38.52 9.16
N ASP D 99 -8.04 39.36 9.54
CA ASP D 99 -7.43 39.30 10.86
C ASP D 99 -8.46 39.53 11.97
N ARG D 100 -8.28 38.84 13.10
CA ARG D 100 -9.25 38.92 14.20
C ARG D 100 -9.24 40.28 14.87
N LEU D 101 -8.07 40.80 15.19
CA LEU D 101 -7.93 42.12 15.79
C LEU D 101 -7.45 43.13 14.75
N SER D 102 -7.75 44.39 15.01
CA SER D 102 -7.41 45.45 14.07
C SER D 102 -5.94 45.82 14.18
N ARG D 103 -5.39 46.35 13.09
CA ARG D 103 -4.03 46.91 13.05
C ARG D 103 -2.98 45.86 13.43
N GLY D 104 -3.12 44.64 12.90
CA GLY D 104 -2.23 43.55 13.20
C GLY D 104 -1.39 43.13 12.02
N VAL D 105 -0.92 41.88 12.07
CA VAL D 105 -0.07 41.33 11.01
C VAL D 105 -0.58 39.97 10.55
N GLY D 106 -1.87 39.71 10.73
CA GLY D 106 -2.47 38.47 10.26
C GLY D 106 -2.19 37.24 11.11
N GLU D 107 -2.25 37.37 12.43
CA GLU D 107 -1.95 36.25 13.31
C GLU D 107 -3.11 35.25 13.36
N LEU D 108 -4.35 35.74 13.39
CA LEU D 108 -5.53 34.89 13.54
C LEU D 108 -6.61 35.36 12.57
N TYR D 109 -7.41 34.40 12.11
CA TYR D 109 -8.43 34.67 11.10
C TYR D 109 -9.80 34.30 11.65
N ASP D 110 -10.65 35.32 11.84
CA ASP D 110 -12.00 35.10 12.34
C ASP D 110 -13.06 35.15 11.25
N SER D 111 -12.69 35.54 10.03
CA SER D 111 -13.61 35.60 8.91
C SER D 111 -12.89 35.20 7.63
N TRP D 112 -13.55 34.41 6.80
CA TRP D 112 -12.96 33.86 5.59
C TRP D 112 -13.91 34.07 4.42
N GLY D 113 -13.33 34.26 3.24
CA GLY D 113 -14.12 34.22 2.01
C GLY D 113 -14.60 32.82 1.71
N GLN D 114 -15.32 32.70 0.58
CA GLN D 114 -15.87 31.41 0.19
C GLN D 114 -14.89 30.54 -0.56
N GLY D 115 -13.72 31.08 -0.93
CA GLY D 115 -12.72 30.31 -1.66
C GLY D 115 -12.76 30.54 -3.16
N THR D 116 -11.59 30.50 -3.79
CA THR D 116 -11.45 30.60 -5.24
C THR D 116 -10.56 29.46 -5.71
N LEU D 117 -11.11 28.57 -6.52
CA LEU D 117 -10.35 27.45 -7.06
C LEU D 117 -9.43 27.94 -8.16
N VAL D 118 -8.14 27.67 -8.01
CA VAL D 118 -7.13 28.00 -9.02
C VAL D 118 -6.50 26.69 -9.48
N THR D 119 -6.59 26.42 -10.79
CA THR D 119 -5.98 25.24 -11.41
C THR D 119 -4.88 25.70 -12.37
N VAL D 120 -3.67 25.21 -12.18
CA VAL D 120 -2.54 25.50 -13.06
C VAL D 120 -2.16 24.20 -13.76
N SER D 121 -2.42 24.12 -15.06
CA SER D 121 -2.20 22.89 -15.81
C SER D 121 -1.95 23.22 -17.27
N SER D 122 -1.02 22.48 -17.88
CA SER D 122 -0.76 22.59 -19.31
C SER D 122 -1.64 21.67 -20.14
N ALA D 123 -2.55 20.93 -19.51
CA ALA D 123 -3.49 20.12 -20.25
C ALA D 123 -4.50 21.00 -20.97
N SER D 124 -5.06 20.48 -22.05
CA SER D 124 -6.06 21.19 -22.85
C SER D 124 -7.45 20.70 -22.48
N PHE D 125 -8.43 21.58 -22.69
CA PHE D 125 -9.82 21.23 -22.42
C PHE D 125 -10.23 20.01 -23.24
N LYS D 126 -11.03 19.14 -22.63
CA LYS D 126 -11.44 17.90 -23.28
C LYS D 126 -12.62 17.32 -22.52
N GLY D 127 -13.65 16.90 -23.26
CA GLY D 127 -14.78 16.23 -22.68
C GLY D 127 -14.47 14.80 -22.33
N PRO D 128 -15.22 14.23 -21.38
CA PRO D 128 -14.95 12.86 -20.95
C PRO D 128 -15.44 11.82 -21.95
N SER D 129 -14.76 10.68 -21.92
CA SER D 129 -15.21 9.47 -22.57
C SER D 129 -15.90 8.62 -21.51
N VAL D 130 -17.12 8.17 -21.81
CA VAL D 130 -17.94 7.47 -20.83
C VAL D 130 -18.06 6.02 -21.25
N PHE D 131 -17.62 5.12 -20.39
CA PHE D 131 -17.66 3.70 -20.67
C PHE D 131 -18.51 2.99 -19.62
N PRO D 132 -19.21 1.93 -20.00
CA PRO D 132 -20.09 1.25 -19.04
C PRO D 132 -19.31 0.26 -18.19
N LEU D 133 -19.67 0.23 -16.90
CA LEU D 133 -19.28 -0.84 -15.98
C LEU D 133 -20.49 -1.77 -15.89
N ALA D 134 -20.55 -2.72 -16.82
CA ALA D 134 -21.73 -3.56 -17.00
C ALA D 134 -21.82 -4.61 -15.90
N PRO D 135 -23.01 -4.87 -15.38
CA PRO D 135 -23.17 -5.95 -14.40
C PRO D 135 -23.10 -7.32 -15.05
N SER D 136 -22.69 -8.30 -14.25
CA SER D 136 -22.57 -9.68 -14.67
C SER D 136 -22.53 -10.55 -13.41
N SER D 137 -22.22 -11.84 -13.58
CA SER D 137 -22.08 -12.71 -12.41
C SER D 137 -20.89 -12.31 -11.55
N LYS D 138 -19.89 -11.64 -12.13
CA LYS D 138 -18.75 -11.13 -11.37
C LYS D 138 -19.08 -9.88 -10.56
N SER D 139 -20.28 -9.33 -10.73
CA SER D 139 -20.72 -8.16 -9.99
C SER D 139 -22.12 -8.37 -9.42
N THR D 140 -22.40 -9.59 -8.94
CA THR D 140 -23.63 -9.90 -8.24
C THR D 140 -23.30 -10.70 -6.99
N SER D 141 -23.92 -10.32 -5.88
CA SER D 141 -23.71 -11.01 -4.60
C SER D 141 -25.03 -11.00 -3.83
N GLY D 142 -25.68 -12.16 -3.76
CA GLY D 142 -26.92 -12.29 -3.02
C GLY D 142 -28.06 -11.47 -3.58
N GLY D 143 -28.33 -11.60 -4.87
CA GLY D 143 -29.39 -10.86 -5.51
C GLY D 143 -29.17 -9.36 -5.64
N THR D 144 -28.01 -8.86 -5.20
CA THR D 144 -27.67 -7.45 -5.34
C THR D 144 -26.68 -7.30 -6.47
N ALA D 145 -27.02 -6.49 -7.47
CA ALA D 145 -26.19 -6.28 -8.63
C ALA D 145 -25.57 -4.88 -8.59
N ALA D 146 -24.33 -4.79 -9.05
CA ALA D 146 -23.61 -3.53 -9.11
C ALA D 146 -23.33 -3.17 -10.56
N LEU D 147 -23.50 -1.90 -10.88
CA LEU D 147 -23.23 -1.37 -12.22
C LEU D 147 -22.80 0.07 -12.08
N GLY D 148 -22.22 0.60 -13.15
CA GLY D 148 -21.78 1.99 -13.10
C GLY D 148 -21.22 2.45 -14.43
N CYS D 149 -20.62 3.63 -14.38
CA CYS D 149 -20.03 4.26 -15.54
C CYS D 149 -18.63 4.74 -15.19
N LEU D 150 -17.70 4.58 -16.13
CA LEU D 150 -16.34 5.06 -16.01
C LEU D 150 -16.22 6.36 -16.80
N VAL D 151 -16.04 7.48 -16.09
CA VAL D 151 -15.94 8.80 -16.70
C VAL D 151 -14.45 9.10 -16.78
N LYS D 152 -13.86 8.83 -17.95
CA LYS D 152 -12.42 8.82 -18.10
C LYS D 152 -11.95 9.96 -19.02
N ASP D 153 -10.77 10.49 -18.71
CA ASP D 153 -10.05 11.41 -19.57
C ASP D 153 -10.85 12.67 -19.89
N TYR D 154 -10.92 13.59 -18.93
CA TYR D 154 -11.56 14.88 -19.15
C TYR D 154 -10.74 15.95 -18.46
N PHE D 155 -11.02 17.19 -18.83
CA PHE D 155 -10.37 18.34 -18.22
C PHE D 155 -11.18 19.58 -18.59
N PRO D 156 -11.38 20.52 -17.66
CA PRO D 156 -10.98 20.36 -16.26
C PRO D 156 -12.13 19.87 -15.36
N GLU D 157 -11.86 19.84 -14.06
CA GLU D 157 -12.93 19.59 -13.10
C GLU D 157 -13.90 20.78 -13.09
N PRO D 158 -15.16 20.55 -12.70
CA PRO D 158 -15.75 19.26 -12.30
C PRO D 158 -16.62 18.63 -13.38
N VAL D 159 -17.05 17.38 -13.13
CA VAL D 159 -18.10 16.75 -13.92
C VAL D 159 -19.25 16.42 -13.00
N THR D 160 -20.44 16.32 -13.59
CA THR D 160 -21.67 16.02 -12.87
C THR D 160 -22.23 14.71 -13.42
N VAL D 161 -22.47 13.75 -12.53
CA VAL D 161 -23.02 12.46 -12.90
C VAL D 161 -24.28 12.24 -12.08
N SER D 162 -25.35 11.82 -12.75
CA SER D 162 -26.57 11.40 -12.08
C SER D 162 -27.05 10.13 -12.78
N TRP D 163 -28.03 9.49 -12.17
CA TRP D 163 -28.56 8.24 -12.69
C TRP D 163 -30.05 8.40 -12.94
N ASN D 164 -30.47 8.16 -14.19
CA ASN D 164 -31.86 8.31 -14.62
C ASN D 164 -32.38 9.71 -14.33
N SER D 165 -31.58 10.72 -14.67
CA SER D 165 -31.93 12.13 -14.50
C SER D 165 -32.30 12.45 -13.06
N GLY D 166 -31.59 11.85 -12.11
CA GLY D 166 -31.85 12.08 -10.71
C GLY D 166 -32.96 11.26 -10.11
N ALA D 167 -33.54 10.33 -10.87
CA ALA D 167 -34.59 9.48 -10.32
C ALA D 167 -34.01 8.41 -9.40
N LEU D 168 -32.81 7.92 -9.69
CA LEU D 168 -32.15 6.89 -8.91
C LEU D 168 -31.03 7.53 -8.11
N THR D 169 -31.18 7.61 -6.79
CA THR D 169 -30.19 8.23 -5.92
C THR D 169 -29.77 7.32 -4.78
N SER D 170 -30.69 6.46 -4.33
CA SER D 170 -30.40 5.58 -3.21
C SER D 170 -29.40 4.51 -3.64
N GLY D 171 -28.22 4.52 -3.03
CA GLY D 171 -27.17 3.56 -3.34
C GLY D 171 -26.12 4.05 -4.32
N VAL D 172 -26.22 5.30 -4.76
CA VAL D 172 -25.30 5.82 -5.77
C VAL D 172 -24.03 6.31 -5.08
N HIS D 173 -22.88 5.94 -5.63
CA HIS D 173 -21.59 6.42 -5.14
C HIS D 173 -20.79 6.94 -6.31
N THR D 174 -20.46 8.22 -6.27
CA THR D 174 -19.60 8.85 -7.27
C THR D 174 -18.28 9.18 -6.59
N PHE D 175 -17.21 8.61 -7.10
CA PHE D 175 -15.93 8.71 -6.42
C PHE D 175 -15.20 9.99 -6.81
N PRO D 176 -14.36 10.51 -5.91
CA PRO D 176 -13.54 11.67 -6.26
C PRO D 176 -12.64 11.36 -7.44
N ALA D 177 -12.37 12.39 -8.24
CA ALA D 177 -11.58 12.22 -9.44
C ALA D 177 -10.11 12.08 -9.08
N VAL D 178 -9.40 11.23 -9.83
CA VAL D 178 -7.96 11.10 -9.70
C VAL D 178 -7.31 11.77 -10.88
N LEU D 179 -6.20 12.45 -10.64
CA LEU D 179 -5.43 13.11 -11.69
C LEU D 179 -4.43 12.09 -12.25
N GLN D 180 -4.69 11.61 -13.46
CA GLN D 180 -3.81 10.64 -14.09
C GLN D 180 -2.50 11.29 -14.50
N SER D 181 -1.55 10.45 -14.91
CA SER D 181 -0.24 10.94 -15.32
C SER D 181 -0.30 11.80 -16.57
N SER D 182 -1.37 11.69 -17.36
CA SER D 182 -1.52 12.44 -18.60
C SER D 182 -2.05 13.85 -18.38
N GLY D 183 -2.26 14.27 -17.13
CA GLY D 183 -2.84 15.56 -16.87
C GLY D 183 -4.35 15.60 -16.92
N LEU D 184 -5.00 14.49 -17.20
CA LEU D 184 -6.46 14.43 -17.29
C LEU D 184 -7.04 13.79 -16.03
N TYR D 185 -8.35 13.97 -15.84
CA TYR D 185 -9.06 13.42 -14.70
C TYR D 185 -9.88 12.20 -15.12
N SER D 186 -10.17 11.36 -14.13
CA SER D 186 -10.99 10.18 -14.36
C SER D 186 -11.68 9.80 -13.06
N LEU D 187 -12.91 9.31 -13.16
CA LEU D 187 -13.66 8.86 -12.00
C LEU D 187 -14.67 7.81 -12.43
N SER D 188 -15.26 7.16 -11.43
CA SER D 188 -16.37 6.23 -11.65
C SER D 188 -17.54 6.61 -10.77
N SER D 189 -18.74 6.25 -11.22
CA SER D 189 -19.96 6.38 -10.46
C SER D 189 -20.68 5.04 -10.51
N VAL D 190 -21.02 4.49 -9.34
CA VAL D 190 -21.63 3.18 -9.26
C VAL D 190 -22.95 3.27 -8.50
N VAL D 191 -23.80 2.27 -8.70
CA VAL D 191 -25.05 2.13 -7.96
C VAL D 191 -25.35 0.64 -7.83
N THR D 192 -25.87 0.23 -6.68
CA THR D 192 -26.30 -1.14 -6.46
C THR D 192 -27.81 -1.23 -6.55
N VAL D 193 -28.28 -2.26 -7.24
CA VAL D 193 -29.70 -2.43 -7.52
C VAL D 193 -30.09 -3.89 -7.29
N PRO D 194 -31.38 -4.16 -7.13
CA PRO D 194 -31.84 -5.57 -7.11
C PRO D 194 -31.53 -6.23 -8.44
N SER D 195 -31.02 -7.47 -8.38
CA SER D 195 -30.63 -8.16 -9.60
C SER D 195 -31.85 -8.54 -10.43
N SER D 196 -33.01 -8.70 -9.80
CA SER D 196 -34.22 -9.03 -10.53
C SER D 196 -34.66 -7.90 -11.46
N SER D 197 -34.36 -6.65 -11.10
CA SER D 197 -34.80 -5.50 -11.88
C SER D 197 -33.93 -5.24 -13.09
N LEU D 198 -32.89 -6.05 -13.33
CA LEU D 198 -31.97 -5.78 -14.44
C LEU D 198 -32.66 -5.95 -15.79
N GLY D 199 -33.67 -6.81 -15.87
CA GLY D 199 -34.32 -7.07 -17.14
C GLY D 199 -35.41 -6.07 -17.49
N THR D 200 -36.05 -5.46 -16.49
CA THR D 200 -37.16 -4.55 -16.72
C THR D 200 -36.82 -3.08 -16.56
N GLN D 201 -35.85 -2.74 -15.70
CA GLN D 201 -35.52 -1.35 -15.44
C GLN D 201 -34.30 -0.92 -16.24
N THR D 202 -34.35 0.32 -16.73
CA THR D 202 -33.27 0.91 -17.51
C THR D 202 -32.41 1.78 -16.59
N TYR D 203 -31.09 1.63 -16.72
CA TYR D 203 -30.15 2.39 -15.91
C TYR D 203 -29.25 3.20 -16.85
N ILE D 204 -29.29 4.51 -16.71
CA ILE D 204 -28.57 5.44 -17.58
C ILE D 204 -27.87 6.46 -16.71
N CYS D 205 -26.56 6.60 -16.90
CA CYS D 205 -25.80 7.61 -16.20
C CYS D 205 -25.74 8.87 -17.05
N ASN D 206 -25.88 10.01 -16.41
CA ASN D 206 -25.93 11.30 -17.08
C ASN D 206 -24.66 12.08 -16.71
N VAL D 207 -23.69 12.07 -17.60
CA VAL D 207 -22.44 12.78 -17.36
C VAL D 207 -22.51 14.16 -18.01
N ASN D 208 -22.17 15.18 -17.23
CA ASN D 208 -22.28 16.57 -17.66
C ASN D 208 -20.96 17.28 -17.38
N HIS D 209 -20.28 17.71 -18.44
CA HIS D 209 -19.01 18.43 -18.31
C HIS D 209 -19.25 19.89 -18.65
N LYS D 210 -19.45 20.70 -17.61
CA LYS D 210 -19.75 22.12 -17.82
C LYS D 210 -18.62 22.88 -18.53
N PRO D 211 -17.34 22.76 -18.14
CA PRO D 211 -16.31 23.59 -18.77
C PRO D 211 -16.11 23.33 -20.25
N SER D 212 -16.49 22.15 -20.76
CA SER D 212 -16.37 21.86 -22.18
C SER D 212 -17.72 21.84 -22.89
N ASN D 213 -18.81 22.04 -22.16
CA ASN D 213 -20.17 22.06 -22.73
C ASN D 213 -20.46 20.75 -23.45
N THR D 214 -20.02 19.64 -22.88
CA THR D 214 -20.26 18.31 -23.43
C THR D 214 -21.11 17.52 -22.44
N LYS D 215 -22.20 16.94 -22.92
CA LYS D 215 -23.06 16.09 -22.13
C LYS D 215 -23.11 14.72 -22.79
N VAL D 216 -23.16 13.67 -21.97
CA VAL D 216 -23.19 12.30 -22.45
C VAL D 216 -24.18 11.51 -21.61
N ASP D 217 -25.08 10.78 -22.27
CA ASP D 217 -25.97 9.82 -21.64
C ASP D 217 -25.58 8.43 -22.12
N LYS D 218 -25.19 7.57 -21.18
CA LYS D 218 -24.79 6.20 -21.51
C LYS D 218 -25.71 5.23 -20.77
N LYS D 219 -26.18 4.21 -21.47
CA LYS D 219 -27.00 3.16 -20.89
C LYS D 219 -26.12 1.96 -20.62
N VAL D 220 -26.22 1.40 -19.41
CA VAL D 220 -25.36 0.32 -18.98
C VAL D 220 -26.11 -0.99 -19.21
N GLU D 221 -25.72 -1.73 -20.25
CA GLU D 221 -26.40 -2.97 -20.59
C GLU D 221 -25.82 -4.10 -19.76
N PRO D 222 -26.66 -4.92 -19.14
CA PRO D 222 -26.15 -6.04 -18.34
C PRO D 222 -25.63 -7.18 -19.21
N LYS D 223 -24.71 -7.94 -18.63
CA LYS D 223 -24.11 -9.10 -19.29
C LYS D 223 -24.82 -10.38 -18.87
N SER D 224 -24.83 -11.35 -19.79
CA SER D 224 -25.53 -12.61 -19.59
C SER D 224 -24.68 -13.66 -18.86
N CYS D 225 -23.38 -13.45 -18.77
CA CYS D 225 -22.47 -14.43 -18.15
C CYS D 225 -22.54 -14.38 -16.63
N ASP E 1 13.30 26.39 10.32
CA ASP E 1 11.86 26.64 10.34
C ASP E 1 11.21 25.78 11.42
N ILE E 2 10.10 26.28 11.97
CA ILE E 2 9.35 25.53 12.97
C ILE E 2 8.37 24.62 12.25
N VAL E 3 8.43 23.32 12.57
CA VAL E 3 7.58 22.31 11.95
C VAL E 3 6.42 22.00 12.88
N MET E 4 5.20 22.07 12.35
CA MET E 4 3.98 21.77 13.09
C MET E 4 3.44 20.42 12.62
N THR E 5 3.19 19.52 13.56
CA THR E 5 2.60 18.21 13.26
C THR E 5 1.36 18.01 14.12
N GLN E 6 0.53 17.03 13.73
CA GLN E 6 -0.69 16.72 14.45
C GLN E 6 -0.90 15.21 14.48
N SER E 7 -1.46 14.73 15.59
CA SER E 7 -1.70 13.31 15.82
C SER E 7 -3.08 13.15 16.48
N PRO E 8 -3.85 12.16 16.06
CA PRO E 8 -3.61 11.33 14.87
C PRO E 8 -4.08 12.05 13.60
N SER E 9 -3.83 11.49 12.42
CA SER E 9 -4.36 12.11 11.21
C SER E 9 -5.88 11.90 11.12
N THR E 10 -6.38 10.80 11.65
CA THR E 10 -7.80 10.49 11.65
C THR E 10 -8.12 9.72 12.92
N LEU E 11 -9.32 9.95 13.47
CA LEU E 11 -9.84 9.12 14.54
C LEU E 11 -11.34 9.00 14.38
N SER E 12 -11.90 7.94 14.97
CA SER E 12 -13.33 7.67 14.91
C SER E 12 -13.92 7.73 16.32
N ALA E 13 -15.09 8.34 16.44
CA ALA E 13 -15.67 8.56 17.75
C ALA E 13 -17.19 8.59 17.63
N SER E 14 -17.85 8.49 18.78
CA SER E 14 -19.29 8.53 18.86
C SER E 14 -19.74 9.81 19.57
N VAL E 15 -20.99 10.18 19.32
CA VAL E 15 -21.58 11.29 20.06
C VAL E 15 -21.55 10.96 21.54
N GLY E 16 -21.04 11.89 22.35
CA GLY E 16 -20.88 11.68 23.77
C GLY E 16 -19.48 11.27 24.19
N ASP E 17 -18.60 10.95 23.24
CA ASP E 17 -17.26 10.54 23.59
C ASP E 17 -16.38 11.75 23.91
N ARG E 18 -15.35 11.50 24.72
CA ARG E 18 -14.29 12.47 24.95
C ARG E 18 -13.20 12.27 23.90
N VAL E 19 -12.79 13.38 23.27
CA VAL E 19 -11.84 13.34 22.15
C VAL E 19 -10.69 14.28 22.47
N THR E 20 -9.47 13.78 22.30
CA THR E 20 -8.25 14.58 22.46
C THR E 20 -7.39 14.44 21.22
N ILE E 21 -6.94 15.57 20.68
CA ILE E 21 -6.07 15.58 19.52
C ILE E 21 -4.86 16.45 19.82
N THR E 22 -3.72 16.08 19.24
CA THR E 22 -2.42 16.61 19.62
C THR E 22 -1.81 17.42 18.49
N CYS E 23 -1.20 18.56 18.84
CA CYS E 23 -0.40 19.37 17.93
C CYS E 23 0.99 19.52 18.54
N ARG E 24 2.03 19.42 17.71
CA ARG E 24 3.40 19.57 18.19
C ARG E 24 4.15 20.60 17.36
N ALA E 25 5.15 21.23 18.01
CA ALA E 25 6.02 22.20 17.36
C ALA E 25 7.47 21.77 17.57
N SER E 26 8.26 21.79 16.49
CA SER E 26 9.64 21.31 16.57
C SER E 26 10.48 22.13 17.54
N GLN E 27 10.15 23.40 17.75
CA GLN E 27 10.71 24.18 18.85
C GLN E 27 9.58 24.97 19.51
N SER E 28 9.88 25.56 20.66
CA SER E 28 8.85 26.19 21.46
C SER E 28 8.26 27.41 20.76
N ILE E 29 6.92 27.46 20.71
CA ILE E 29 6.19 28.62 20.25
C ILE E 29 5.46 29.31 21.38
N ASP E 30 5.81 28.98 22.63
CA ASP E 30 5.26 29.61 23.83
C ASP E 30 3.76 29.34 23.86
N VAL E 31 2.91 30.34 24.10
CA VAL E 31 1.47 30.16 24.19
C VAL E 31 0.75 30.48 22.89
N TRP E 32 1.49 30.89 21.85
CA TRP E 32 0.89 31.47 20.63
C TRP E 32 0.50 30.36 19.67
N LEU E 33 -0.62 29.71 19.99
CA LEU E 33 -1.13 28.55 19.24
C LEU E 33 -2.63 28.67 19.14
N ALA E 34 -3.16 28.50 17.93
CA ALA E 34 -4.59 28.60 17.68
C ALA E 34 -5.12 27.29 17.10
N TRP E 35 -6.44 27.11 17.17
CA TRP E 35 -7.11 25.93 16.63
C TRP E 35 -8.26 26.35 15.71
N TYR E 36 -8.38 25.67 14.58
CA TYR E 36 -9.47 25.91 13.65
C TYR E 36 -10.24 24.60 13.38
N GLN E 37 -11.51 24.76 13.04
CA GLN E 37 -12.41 23.70 12.64
C GLN E 37 -12.85 23.93 11.19
N GLN E 38 -12.84 22.88 10.38
CA GLN E 38 -13.24 22.99 8.99
C GLN E 38 -14.13 21.83 8.60
N LYS E 39 -15.28 22.13 8.00
CA LYS E 39 -16.23 21.22 7.40
C LYS E 39 -15.92 21.05 5.92
N PRO E 40 -16.30 19.92 5.32
CA PRO E 40 -16.07 19.73 3.89
C PRO E 40 -16.77 20.81 3.08
N GLY E 41 -16.03 21.41 2.15
CA GLY E 41 -16.56 22.42 1.27
C GLY E 41 -16.71 23.80 1.87
N LYS E 42 -16.30 24.01 3.12
CA LYS E 42 -16.42 25.31 3.76
C LYS E 42 -15.06 25.82 4.18
N ALA E 43 -15.02 27.09 4.54
CA ALA E 43 -13.81 27.68 5.05
C ALA E 43 -13.64 27.31 6.52
N PRO E 44 -12.41 27.28 7.02
CA PRO E 44 -12.19 27.00 8.44
C PRO E 44 -12.82 28.07 9.34
N LYS E 45 -13.07 27.68 10.58
CA LYS E 45 -13.61 28.56 11.60
C LYS E 45 -12.68 28.57 12.80
N LEU E 46 -12.33 29.75 13.29
CA LEU E 46 -11.47 29.86 14.47
C LEU E 46 -12.20 29.37 15.71
N LEU E 47 -11.57 28.45 16.45
CA LEU E 47 -12.14 27.91 17.69
C LEU E 47 -11.47 28.46 18.93
N MET E 48 -10.15 28.66 18.89
CA MET E 48 -9.39 28.88 20.11
C MET E 48 -8.06 29.51 19.75
N TYR E 49 -7.57 30.37 20.65
CA TYR E 49 -6.28 31.02 20.46
C TYR E 49 -5.59 31.17 21.81
N LYS E 50 -4.32 31.55 21.77
CA LYS E 50 -3.50 31.64 22.99
C LYS E 50 -3.63 30.36 23.81
N THR E 51 -3.59 29.22 23.11
CA THR E 51 -3.60 27.88 23.69
C THR E 51 -4.93 27.49 24.32
N SER E 52 -5.57 28.39 25.10
CA SER E 52 -6.72 27.99 25.89
C SER E 52 -7.93 28.92 25.83
N THR E 53 -7.89 30.00 25.07
CA THR E 53 -8.96 30.99 25.08
C THR E 53 -9.93 30.72 23.95
N LEU E 54 -11.19 30.48 24.31
CA LEU E 54 -12.23 30.21 23.32
C LEU E 54 -12.54 31.46 22.50
N GLN E 55 -12.72 31.27 21.20
CA GLN E 55 -13.29 32.31 20.35
C GLN E 55 -14.75 32.55 20.73
N THR E 56 -15.18 33.80 20.61
CA THR E 56 -16.55 34.14 20.92
C THR E 56 -17.52 33.30 20.09
N GLY E 57 -18.52 32.72 20.74
CA GLY E 57 -19.47 31.86 20.09
C GLY E 57 -19.12 30.39 20.05
N VAL E 58 -17.92 30.02 20.50
CA VAL E 58 -17.51 28.61 20.52
C VAL E 58 -17.96 27.98 21.82
N PRO E 59 -18.65 26.84 21.77
CA PRO E 59 -19.14 26.21 23.01
C PRO E 59 -18.01 25.69 23.88
N SER E 60 -18.32 25.57 25.17
CA SER E 60 -17.33 25.30 26.21
C SER E 60 -16.82 23.87 26.22
N ARG E 61 -17.46 22.94 25.49
CA ARG E 61 -16.93 21.57 25.45
C ARG E 61 -15.55 21.50 24.81
N PHE E 62 -15.15 22.53 24.07
CA PHE E 62 -13.79 22.63 23.55
C PHE E 62 -12.88 23.25 24.60
N SER E 63 -11.74 22.62 24.86
CA SER E 63 -10.74 23.18 25.75
C SER E 63 -9.36 22.82 25.21
N GLY E 64 -8.40 23.71 25.44
CA GLY E 64 -7.06 23.53 24.93
C GLY E 64 -6.02 23.72 26.01
N SER E 65 -4.90 23.05 25.83
CA SER E 65 -3.78 23.12 26.76
C SER E 65 -2.49 23.06 25.94
N GLY E 66 -1.39 23.42 26.58
CA GLY E 66 -0.12 23.46 25.85
C GLY E 66 1.05 23.55 26.79
N SER E 67 2.20 23.09 26.29
CA SER E 67 3.47 23.20 27.00
C SER E 67 4.54 23.74 26.07
N GLY E 68 4.18 24.72 25.23
CA GLY E 68 5.14 25.31 24.29
C GLY E 68 5.48 24.49 23.05
N THR E 69 5.79 23.19 23.22
CA THR E 69 6.11 22.30 22.11
C THR E 69 5.05 21.22 21.89
N GLU E 70 4.10 21.07 22.81
CA GLU E 70 3.00 20.13 22.66
C GLU E 70 1.70 20.82 23.05
N PHE E 71 0.65 20.60 22.27
CA PHE E 71 -0.64 21.23 22.49
C PHE E 71 -1.73 20.18 22.33
N THR E 72 -2.80 20.33 23.10
CA THR E 72 -3.87 19.34 23.15
C THR E 72 -5.21 20.06 23.03
N LEU E 73 -6.02 19.65 22.07
CA LEU E 73 -7.40 20.09 21.95
C LEU E 73 -8.30 18.98 22.46
N THR E 74 -9.23 19.31 23.35
CA THR E 74 -10.10 18.33 23.96
C THR E 74 -11.56 18.71 23.71
N ILE E 75 -12.34 17.73 23.25
CA ILE E 75 -13.79 17.83 23.17
C ILE E 75 -14.34 16.89 24.25
N SER E 76 -14.90 17.48 25.31
CA SER E 76 -15.27 16.70 26.48
C SER E 76 -16.44 15.77 26.18
N SER E 77 -17.37 16.23 25.34
CA SER E 77 -18.51 15.42 24.92
C SER E 77 -18.81 15.78 23.47
N LEU E 78 -18.55 14.84 22.57
CA LEU E 78 -18.69 15.10 21.14
C LEU E 78 -20.16 15.24 20.74
N GLN E 79 -20.47 16.28 19.99
CA GLN E 79 -21.79 16.44 19.38
C GLN E 79 -21.69 16.26 17.87
N THR E 80 -22.85 16.05 17.23
CA THR E 80 -22.89 15.78 15.80
C THR E 80 -22.28 16.91 14.99
N ASP E 81 -22.36 18.14 15.48
CA ASP E 81 -21.75 19.27 14.79
C ASP E 81 -20.23 19.25 14.84
N ASP E 82 -19.63 18.37 15.64
CA ASP E 82 -18.20 18.39 15.87
C ASP E 82 -17.43 17.45 14.93
N PHE E 83 -18.11 16.67 14.11
CA PHE E 83 -17.43 15.84 13.13
C PHE E 83 -16.91 16.74 12.02
N ALA E 84 -15.59 16.84 11.89
CA ALA E 84 -14.92 17.80 11.02
C ALA E 84 -13.42 17.56 11.11
N THR E 85 -12.65 18.40 10.44
CA THR E 85 -11.20 18.37 10.50
C THR E 85 -10.69 19.55 11.32
N TYR E 86 -9.65 19.33 12.11
CA TYR E 86 -9.16 20.33 13.05
C TYR E 86 -7.69 20.62 12.76
N TYR E 87 -7.36 21.91 12.63
CA TYR E 87 -6.02 22.39 12.35
C TYR E 87 -5.53 23.26 13.50
N CYS E 88 -4.28 23.08 13.89
CA CYS E 88 -3.59 24.03 14.75
C CYS E 88 -2.79 25.01 13.88
N GLN E 89 -2.39 26.12 14.49
CA GLN E 89 -1.69 27.18 13.78
C GLN E 89 -0.87 28.00 14.76
N LYS E 90 0.42 28.12 14.48
CA LYS E 90 1.31 28.92 15.30
C LYS E 90 1.26 30.39 14.88
N TYR E 91 1.43 31.28 15.85
CA TYR E 91 1.57 32.70 15.54
C TYR E 91 2.55 33.37 16.49
N ASP E 92 3.59 32.64 16.89
CA ASP E 92 4.71 33.28 17.58
C ASP E 92 5.40 34.29 16.68
N SER E 93 5.30 34.09 15.38
CA SER E 93 5.96 34.86 14.34
C SER E 93 5.46 34.33 13.01
N TYR E 94 5.59 35.15 11.95
CA TYR E 94 5.30 34.60 10.64
C TYR E 94 6.47 33.73 10.17
N PRO E 95 6.22 32.72 9.32
CA PRO E 95 4.93 32.32 8.70
C PRO E 95 3.90 31.79 9.69
N TRP E 96 2.63 32.05 9.40
CA TRP E 96 1.51 31.62 10.23
C TRP E 96 1.19 30.17 9.88
N THR E 97 2.04 29.27 10.34
CA THR E 97 2.07 27.89 9.86
C THR E 97 0.92 27.07 10.46
N PHE E 98 0.15 26.45 9.59
CA PHE E 98 -0.89 25.51 10.00
C PHE E 98 -0.32 24.11 10.11
N GLY E 99 -0.90 23.32 11.00
CA GLY E 99 -0.62 21.90 11.05
C GLY E 99 -1.36 21.15 9.96
N PRO E 100 -1.03 19.87 9.82
CA PRO E 100 -1.61 19.08 8.71
C PRO E 100 -3.08 18.73 8.91
N GLY E 101 -3.58 18.74 10.13
CA GLY E 101 -4.99 18.52 10.32
C GLY E 101 -5.29 17.15 10.91
N THR E 102 -6.39 17.06 11.65
CA THR E 102 -6.87 15.82 12.24
C THR E 102 -8.36 15.71 11.95
N LYS E 103 -8.75 14.63 11.27
CA LYS E 103 -10.15 14.41 10.92
C LYS E 103 -10.83 13.57 11.99
N VAL E 104 -11.96 14.06 12.50
CA VAL E 104 -12.78 13.32 13.46
C VAL E 104 -13.97 12.74 12.71
N GLU E 105 -14.03 11.41 12.61
CA GLU E 105 -15.08 10.73 11.87
C GLU E 105 -16.00 9.96 12.81
N ILE E 106 -17.09 9.46 12.24
CA ILE E 106 -18.13 8.79 13.01
C ILE E 106 -17.77 7.33 13.21
N LYS E 107 -17.88 6.87 14.45
CA LYS E 107 -17.67 5.48 14.82
C LYS E 107 -18.94 4.67 14.59
N ARG E 108 -18.78 3.45 14.09
CA ARG E 108 -19.90 2.52 13.96
C ARG E 108 -19.34 1.11 13.98
N THR E 109 -20.25 0.13 14.00
CA THR E 109 -19.85 -1.27 14.00
C THR E 109 -19.22 -1.64 12.65
N ALA E 110 -18.34 -2.63 12.70
CA ALA E 110 -17.68 -3.09 11.48
C ALA E 110 -18.72 -3.63 10.50
N ALA E 111 -18.50 -3.36 9.22
CA ALA E 111 -19.35 -3.87 8.15
C ALA E 111 -18.46 -4.35 7.01
N ALA E 112 -18.65 -5.60 6.60
CA ALA E 112 -17.83 -6.15 5.55
C ALA E 112 -18.20 -5.57 4.19
N PRO E 113 -17.24 -5.37 3.31
CA PRO E 113 -17.54 -4.87 1.97
C PRO E 113 -18.09 -5.96 1.06
N SER E 114 -18.98 -5.54 0.16
CA SER E 114 -19.36 -6.33 -1.00
C SER E 114 -18.41 -6.02 -2.14
N VAL E 115 -17.83 -7.06 -2.74
CA VAL E 115 -16.76 -6.92 -3.72
C VAL E 115 -17.31 -7.23 -5.10
N PHE E 116 -17.04 -6.33 -6.05
CA PHE E 116 -17.48 -6.48 -7.43
C PHE E 116 -16.33 -6.10 -8.36
N ILE E 117 -16.17 -6.86 -9.45
CA ILE E 117 -15.15 -6.55 -10.43
C ILE E 117 -15.81 -6.33 -11.78
N PHE E 118 -15.21 -5.43 -12.58
CA PHE E 118 -15.75 -5.05 -13.87
C PHE E 118 -14.64 -5.16 -14.91
N PRO E 119 -14.77 -6.02 -15.92
CA PRO E 119 -13.80 -6.04 -17.02
C PRO E 119 -13.87 -4.74 -17.82
N PRO E 120 -12.85 -4.44 -18.59
CA PRO E 120 -12.94 -3.26 -19.47
C PRO E 120 -13.99 -3.45 -20.54
N SER E 121 -14.69 -2.37 -20.87
CA SER E 121 -15.73 -2.43 -21.88
C SER E 121 -15.12 -2.50 -23.28
N ASP E 122 -15.89 -3.07 -24.21
CA ASP E 122 -15.46 -3.15 -25.60
C ASP E 122 -15.23 -1.76 -26.19
N GLU E 123 -16.04 -0.77 -25.80
CA GLU E 123 -15.84 0.59 -26.30
C GLU E 123 -14.47 1.13 -25.92
N GLN E 124 -14.05 0.92 -24.67
CA GLN E 124 -12.74 1.40 -24.24
C GLN E 124 -11.61 0.67 -24.95
N LEU E 125 -11.79 -0.61 -25.24
CA LEU E 125 -10.74 -1.38 -25.91
C LEU E 125 -10.46 -0.83 -27.31
N LYS E 126 -11.49 -0.38 -28.01
CA LYS E 126 -11.26 0.21 -29.34
C LYS E 126 -10.38 1.44 -29.25
N SER E 127 -10.54 2.24 -28.18
CA SER E 127 -9.80 3.49 -28.02
C SER E 127 -8.34 3.27 -27.62
N GLY E 128 -7.94 2.04 -27.27
CA GLY E 128 -6.55 1.74 -27.02
C GLY E 128 -6.16 1.56 -25.57
N THR E 129 -7.08 1.74 -24.62
CA THR E 129 -6.79 1.57 -23.20
C THR E 129 -7.71 0.51 -22.62
N ALA E 130 -7.34 0.03 -21.43
CA ALA E 130 -8.14 -0.97 -20.72
C ALA E 130 -8.11 -0.65 -19.23
N SER E 131 -9.28 -0.49 -18.63
CA SER E 131 -9.39 -0.19 -17.21
C SER E 131 -10.25 -1.27 -16.55
N VAL E 132 -9.67 -1.98 -15.58
CA VAL E 132 -10.38 -2.97 -14.79
C VAL E 132 -10.67 -2.35 -13.44
N VAL E 133 -11.94 -2.39 -13.03
CA VAL E 133 -12.41 -1.67 -11.85
C VAL E 133 -12.86 -2.68 -10.81
N CYS E 134 -12.28 -2.57 -9.62
CA CYS E 134 -12.72 -3.34 -8.45
C CYS E 134 -13.48 -2.40 -7.54
N LEU E 135 -14.64 -2.86 -7.07
CA LEU E 135 -15.51 -2.04 -6.23
C LEU E 135 -15.69 -2.70 -4.88
N LEU E 136 -15.40 -1.94 -3.82
CA LEU E 136 -15.70 -2.34 -2.45
C LEU E 136 -16.81 -1.43 -1.95
N ASN E 137 -17.95 -2.01 -1.60
CA ASN E 137 -19.16 -1.24 -1.35
C ASN E 137 -19.58 -1.32 0.11
N ASN E 138 -19.77 -0.15 0.72
CA ASN E 138 -20.47 0.02 2.01
C ASN E 138 -19.80 -0.77 3.14
N PHE E 139 -18.55 -0.39 3.44
CA PHE E 139 -17.79 -1.09 4.46
C PHE E 139 -17.33 -0.12 5.53
N TYR E 140 -16.90 -0.69 6.66
CA TYR E 140 -16.36 0.08 7.77
C TYR E 140 -15.54 -0.86 8.63
N PRO E 141 -14.36 -0.45 9.12
CA PRO E 141 -13.70 0.85 8.94
C PRO E 141 -13.02 1.01 7.59
N ARG E 142 -12.38 2.18 7.38
CA ARG E 142 -11.87 2.52 6.05
C ARG E 142 -10.71 1.62 5.62
N GLU E 143 -9.97 1.08 6.58
CA GLU E 143 -8.77 0.30 6.25
C GLU E 143 -9.15 -0.97 5.51
N ALA E 144 -8.53 -1.17 4.35
CA ALA E 144 -8.83 -2.33 3.52
C ALA E 144 -7.63 -2.55 2.59
N LYS E 145 -7.24 -3.82 2.46
CA LYS E 145 -6.16 -4.20 1.57
C LYS E 145 -6.77 -4.68 0.26
N VAL E 146 -6.44 -4.02 -0.84
CA VAL E 146 -6.89 -4.42 -2.17
C VAL E 146 -5.66 -4.78 -2.98
N GLN E 147 -5.64 -6.00 -3.52
CA GLN E 147 -4.47 -6.56 -4.18
C GLN E 147 -4.88 -7.05 -5.57
N TRP E 148 -4.22 -6.53 -6.60
CA TRP E 148 -4.48 -6.94 -7.96
C TRP E 148 -3.54 -8.07 -8.35
N LYS E 149 -4.08 -9.07 -9.06
CA LYS E 149 -3.28 -10.19 -9.54
C LYS E 149 -3.63 -10.46 -11.00
N VAL E 150 -2.62 -10.45 -11.86
CA VAL E 150 -2.76 -10.73 -13.27
C VAL E 150 -1.98 -11.99 -13.55
N ASP E 151 -2.68 -13.07 -13.89
CA ASP E 151 -2.08 -14.40 -14.02
C ASP E 151 -1.18 -14.72 -12.83
N ASN E 152 -1.73 -14.53 -11.62
CA ASN E 152 -1.03 -14.74 -10.36
C ASN E 152 0.03 -13.70 -10.06
N ALA E 153 0.41 -12.89 -11.06
CA ALA E 153 1.41 -11.85 -10.82
C ALA E 153 0.79 -10.71 -10.03
N LEU E 154 1.45 -10.38 -8.93
CA LEU E 154 1.03 -9.28 -8.05
C LEU E 154 1.39 -7.95 -8.69
N GLN E 155 0.39 -7.08 -8.87
CA GLN E 155 0.57 -5.80 -9.55
C GLN E 155 0.99 -4.72 -8.57
N SER E 156 1.78 -3.77 -9.07
CA SER E 156 2.28 -2.69 -8.24
C SER E 156 2.52 -1.46 -9.11
N GLY E 157 2.03 -0.32 -8.66
CA GLY E 157 2.29 0.93 -9.34
C GLY E 157 1.46 1.19 -10.58
N ASN E 158 0.46 0.35 -10.86
CA ASN E 158 -0.37 0.57 -12.05
C ASN E 158 -1.86 0.62 -11.69
N SER E 159 -2.19 0.97 -10.45
CA SER E 159 -3.57 1.09 -10.02
C SER E 159 -3.74 2.29 -9.11
N GLN E 160 -4.95 2.83 -9.07
CA GLN E 160 -5.28 3.97 -8.23
C GLN E 160 -6.55 3.69 -7.45
N GLU E 161 -6.57 4.14 -6.21
CA GLU E 161 -7.73 4.03 -5.34
C GLU E 161 -8.35 5.40 -5.12
N SER E 162 -9.67 5.41 -4.97
CA SER E 162 -10.38 6.61 -4.54
C SER E 162 -11.49 6.16 -3.61
N VAL E 163 -11.67 6.90 -2.51
CA VAL E 163 -12.64 6.55 -1.48
C VAL E 163 -13.65 7.68 -1.38
N THR E 164 -14.90 7.31 -1.12
CA THR E 164 -15.91 8.30 -0.79
C THR E 164 -15.74 8.76 0.65
N GLU E 165 -16.51 9.79 1.01
CA GLU E 165 -16.67 10.17 2.41
C GLU E 165 -17.71 9.28 3.08
N GLN E 166 -17.78 9.34 4.41
CA GLN E 166 -18.73 8.51 5.12
C GLN E 166 -20.14 8.74 4.61
N ASP E 167 -20.86 7.65 4.37
CA ASP E 167 -22.16 7.76 3.74
C ASP E 167 -23.13 8.53 4.63
N SER E 168 -23.94 9.39 4.00
CA SER E 168 -24.90 10.21 4.71
C SER E 168 -25.92 9.39 5.49
N LYS E 169 -26.11 8.12 5.14
CA LYS E 169 -27.10 7.27 5.77
C LYS E 169 -26.53 6.27 6.77
N ASP E 170 -25.53 5.48 6.38
CA ASP E 170 -25.03 4.40 7.23
C ASP E 170 -23.59 4.60 7.66
N SER E 171 -22.97 5.72 7.32
CA SER E 171 -21.63 6.09 7.80
C SER E 171 -20.56 5.09 7.37
N THR E 172 -20.77 4.41 6.25
CA THR E 172 -19.77 3.52 5.69
C THR E 172 -18.97 4.24 4.60
N TYR E 173 -17.95 3.54 4.10
CA TYR E 173 -17.18 4.00 2.96
C TYR E 173 -17.42 3.08 1.77
N SER E 174 -17.15 3.59 0.59
CA SER E 174 -17.01 2.75 -0.60
C SER E 174 -15.71 3.13 -1.30
N LEU E 175 -15.14 2.16 -2.00
CA LEU E 175 -13.82 2.34 -2.59
C LEU E 175 -13.81 1.75 -3.99
N SER E 176 -13.05 2.40 -4.86
CA SER E 176 -12.81 1.92 -6.21
C SER E 176 -11.31 1.75 -6.41
N SER E 177 -10.90 0.59 -6.91
CA SER E 177 -9.52 0.38 -7.30
C SER E 177 -9.52 0.06 -8.79
N THR E 178 -8.79 0.87 -9.55
CA THR E 178 -8.82 0.82 -11.00
C THR E 178 -7.43 0.45 -11.49
N LEU E 179 -7.35 -0.65 -12.23
CA LEU E 179 -6.11 -1.13 -12.81
C LEU E 179 -6.11 -0.72 -14.28
N THR E 180 -5.16 0.13 -14.66
CA THR E 180 -5.11 0.71 -15.99
C THR E 180 -3.97 0.10 -16.77
N LEU E 181 -4.28 -0.51 -17.91
CA LEU E 181 -3.30 -1.13 -18.78
C LEU E 181 -3.49 -0.62 -20.19
N SER E 182 -2.43 -0.76 -21.00
CA SER E 182 -2.60 -0.61 -22.43
C SER E 182 -3.37 -1.81 -22.98
N LYS E 183 -3.97 -1.63 -24.16
CA LYS E 183 -4.69 -2.73 -24.78
C LYS E 183 -3.76 -3.89 -25.10
N ALA E 184 -2.52 -3.61 -25.49
CA ALA E 184 -1.56 -4.68 -25.75
C ALA E 184 -1.29 -5.48 -24.48
N ASP E 185 -1.01 -4.79 -23.38
CA ASP E 185 -0.72 -5.48 -22.13
C ASP E 185 -1.95 -6.23 -21.60
N TYR E 186 -3.14 -5.66 -21.79
CA TYR E 186 -4.35 -6.33 -21.30
C TYR E 186 -4.60 -7.63 -22.05
N GLU E 187 -4.20 -7.71 -23.30
CA GLU E 187 -4.47 -8.88 -24.13
C GLU E 187 -3.35 -9.92 -24.07
N LYS E 188 -2.28 -9.66 -23.35
CA LYS E 188 -1.22 -10.64 -23.14
C LYS E 188 -1.51 -11.59 -21.99
N HIS E 189 -2.60 -11.41 -21.26
CA HIS E 189 -2.88 -12.20 -20.07
C HIS E 189 -4.36 -12.59 -20.03
N LYS E 190 -4.64 -13.64 -19.26
CA LYS E 190 -5.96 -14.26 -19.23
C LYS E 190 -6.75 -13.92 -17.97
N VAL E 191 -6.17 -14.12 -16.79
CA VAL E 191 -6.90 -14.06 -15.53
C VAL E 191 -6.61 -12.75 -14.82
N TYR E 192 -7.67 -12.02 -14.47
CA TYR E 192 -7.56 -10.77 -13.74
C TYR E 192 -8.38 -10.91 -12.46
N ALA E 193 -7.75 -10.61 -11.32
CA ALA E 193 -8.38 -10.87 -10.04
C ALA E 193 -8.10 -9.75 -9.05
N CYS E 194 -9.09 -9.49 -8.21
CA CYS E 194 -9.03 -8.50 -7.15
C CYS E 194 -9.26 -9.24 -5.84
N GLU E 195 -8.32 -9.13 -4.91
CA GLU E 195 -8.43 -9.80 -3.62
C GLU E 195 -8.48 -8.76 -2.51
N VAL E 196 -9.53 -8.83 -1.69
CA VAL E 196 -9.82 -7.84 -0.67
C VAL E 196 -9.70 -8.48 0.71
N THR E 197 -8.95 -7.82 1.60
CA THR E 197 -8.83 -8.22 3.00
C THR E 197 -9.40 -7.11 3.88
N HIS E 198 -10.28 -7.47 4.80
CA HIS E 198 -10.98 -6.50 5.64
C HIS E 198 -11.43 -7.17 6.93
N GLN E 199 -11.34 -6.46 8.05
CA GLN E 199 -11.68 -7.06 9.33
C GLN E 199 -13.13 -7.53 9.39
N GLY E 200 -13.98 -7.04 8.50
CA GLY E 200 -15.34 -7.54 8.41
C GLY E 200 -15.48 -8.88 7.72
N LEU E 201 -14.47 -9.31 6.99
CA LEU E 201 -14.50 -10.58 6.27
C LEU E 201 -13.77 -11.65 7.09
N SER E 202 -14.39 -12.83 7.20
CA SER E 202 -13.77 -13.93 7.92
C SER E 202 -12.56 -14.48 7.17
N SER E 203 -12.54 -14.32 5.85
CA SER E 203 -11.41 -14.70 5.02
C SER E 203 -11.41 -13.79 3.81
N PRO E 204 -10.24 -13.56 3.19
CA PRO E 204 -10.19 -12.64 2.05
C PRO E 204 -11.13 -13.08 0.94
N VAL E 205 -11.66 -12.09 0.20
CA VAL E 205 -12.62 -12.32 -0.87
C VAL E 205 -11.96 -11.98 -2.19
N THR E 206 -12.05 -12.91 -3.13
CA THR E 206 -11.43 -12.78 -4.45
C THR E 206 -12.51 -12.76 -5.53
N LYS E 207 -12.45 -11.77 -6.42
CA LYS E 207 -13.28 -11.71 -7.61
C LYS E 207 -12.35 -11.73 -8.82
N SER E 208 -12.53 -12.72 -9.69
CA SER E 208 -11.66 -12.88 -10.85
C SER E 208 -12.48 -13.17 -12.09
N PHE E 209 -11.91 -12.87 -13.25
CA PHE E 209 -12.53 -13.22 -14.52
C PHE E 209 -11.46 -13.60 -15.53
N ASN E 210 -11.87 -14.33 -16.55
CA ASN E 210 -11.02 -14.65 -17.68
C ASN E 210 -11.32 -13.65 -18.80
N ARG E 211 -10.27 -13.05 -19.34
CA ARG E 211 -10.46 -12.09 -20.42
C ARG E 211 -11.18 -12.74 -21.59
N GLY E 212 -12.26 -12.11 -22.03
CA GLY E 212 -12.98 -12.53 -23.21
C GLY E 212 -14.15 -13.48 -22.99
N GLU E 213 -14.43 -13.86 -21.74
CA GLU E 213 -15.53 -14.79 -21.48
C GLU E 213 -16.89 -14.12 -21.44
N CYS E 214 -16.96 -12.80 -21.60
CA CYS E 214 -18.24 -12.09 -21.58
C CYS E 214 -18.31 -11.03 -22.68
N VAL F 6 16.01 50.85 1.28
CA VAL F 6 14.84 49.98 1.17
C VAL F 6 14.15 49.90 2.54
N SER F 7 12.83 49.75 2.51
CA SER F 7 12.02 49.75 3.72
C SER F 7 11.64 48.32 4.10
N TYR F 8 11.43 48.11 5.41
CA TYR F 8 11.19 46.79 5.95
C TYR F 8 9.74 46.67 6.45
N SER F 9 9.29 45.42 6.55
CA SER F 9 7.98 45.16 7.11
C SER F 9 8.03 45.18 8.63
N LEU F 10 6.86 45.26 9.25
CA LEU F 10 6.76 45.25 10.70
C LEU F 10 7.18 43.91 11.27
N CYS F 11 7.88 43.97 12.41
CA CYS F 11 8.18 42.76 13.18
C CYS F 11 6.90 42.07 13.61
N THR F 12 6.91 40.74 13.59
CA THR F 12 5.72 39.95 13.89
C THR F 12 5.85 39.09 15.14
N ALA F 13 6.98 39.13 15.83
CA ALA F 13 7.18 38.28 17.00
C ALA F 13 6.97 39.09 18.27
N ALA F 14 7.23 38.47 19.42
CA ALA F 14 6.90 39.06 20.71
C ALA F 14 7.98 40.02 21.17
N PHE F 15 7.57 41.16 21.68
CA PHE F 15 8.42 42.07 22.43
C PHE F 15 8.16 41.91 23.92
N THR F 16 9.17 42.26 24.71
CA THR F 16 9.05 42.30 26.17
C THR F 16 9.79 43.51 26.70
N PHE F 17 9.26 44.13 27.75
CA PHE F 17 9.97 45.18 28.46
C PHE F 17 11.08 44.57 29.30
N THR F 18 12.28 45.12 29.20
CA THR F 18 13.41 44.71 30.02
C THR F 18 13.72 45.70 31.13
N LYS F 19 12.99 46.79 31.21
CA LYS F 19 13.22 47.82 32.22
C LYS F 19 11.97 48.69 32.27
N ILE F 20 11.72 49.25 33.44
CA ILE F 20 10.57 50.16 33.58
C ILE F 20 10.83 51.43 32.77
N PRO F 21 9.89 51.85 31.93
CA PRO F 21 10.08 53.10 31.18
C PRO F 21 10.31 54.29 32.09
N ALA F 22 11.19 55.19 31.65
CA ALA F 22 11.63 56.30 32.49
C ALA F 22 11.48 57.61 31.73
N GLU F 23 11.07 58.65 32.46
CA GLU F 23 10.97 60.00 31.90
C GLU F 23 12.34 60.67 31.91
N THR F 24 12.57 61.53 30.91
CA THR F 24 13.81 62.27 30.77
C THR F 24 13.59 63.75 31.05
N LEU F 25 14.69 64.50 31.06
CA LEU F 25 14.60 65.93 31.29
C LEU F 25 13.86 66.64 30.17
N HIS F 26 13.87 66.08 28.97
CA HIS F 26 13.16 66.67 27.84
C HIS F 26 11.68 66.33 27.83
N GLY F 27 11.17 65.69 28.88
CA GLY F 27 9.79 65.26 28.91
C GLY F 27 9.49 64.03 28.09
N THR F 28 10.50 63.42 27.47
CA THR F 28 10.31 62.20 26.71
C THR F 28 10.46 60.99 27.62
N VAL F 29 10.10 59.82 27.09
CA VAL F 29 10.18 58.57 27.83
C VAL F 29 11.04 57.59 27.03
N THR F 30 11.96 56.93 27.70
CA THR F 30 12.83 55.93 27.10
C THR F 30 12.33 54.53 27.45
N VAL F 31 12.34 53.65 26.46
CA VAL F 31 11.80 52.29 26.58
C VAL F 31 12.85 51.31 26.10
N GLU F 32 13.18 50.33 26.95
CA GLU F 32 14.11 49.27 26.59
C GLU F 32 13.33 47.97 26.39
N VAL F 33 13.51 47.35 25.23
CA VAL F 33 12.78 46.14 24.87
C VAL F 33 13.76 45.14 24.26
N GLN F 34 13.37 43.86 24.30
CA GLN F 34 14.06 42.83 23.54
C GLN F 34 13.05 42.08 22.69
N TYR F 35 13.55 41.57 21.57
CA TYR F 35 12.74 40.96 20.52
C TYR F 35 13.05 39.47 20.43
N ALA F 36 12.00 38.65 20.46
CA ALA F 36 12.17 37.20 20.45
C ALA F 36 12.20 36.57 19.06
N GLY F 37 11.98 37.36 18.00
CA GLY F 37 11.82 36.79 16.69
C GLY F 37 13.12 36.59 15.93
N THR F 38 13.03 35.74 14.90
CA THR F 38 14.12 35.51 13.96
C THR F 38 13.74 35.98 12.56
N ASP F 39 12.72 36.83 12.45
CA ASP F 39 12.19 37.28 11.16
C ASP F 39 12.84 38.56 10.67
N GLY F 40 13.85 39.07 11.38
CA GLY F 40 14.54 40.27 11.00
C GLY F 40 15.26 40.14 9.66
N PRO F 41 15.66 41.29 9.08
CA PRO F 41 15.43 42.62 9.65
C PRO F 41 13.97 43.09 9.48
N CYS F 42 13.45 43.79 10.49
CA CYS F 42 12.06 44.21 10.47
C CYS F 42 11.93 45.52 11.23
N LYS F 43 10.83 46.23 10.95
CA LYS F 43 10.57 47.53 11.55
C LYS F 43 9.87 47.33 12.90
N VAL F 44 10.42 47.95 13.93
CA VAL F 44 9.85 47.88 15.27
C VAL F 44 8.62 48.79 15.33
N PRO F 45 7.44 48.25 15.65
CA PRO F 45 6.26 49.11 15.85
C PRO F 45 6.34 49.74 17.23
N ALA F 46 6.33 51.06 17.28
CA ALA F 46 6.41 51.77 18.55
C ALA F 46 5.69 53.10 18.40
N GLN F 47 4.80 53.39 19.35
CA GLN F 47 4.03 54.63 19.29
C GLN F 47 3.36 54.84 20.64
N MET F 48 2.87 56.05 20.83
CA MET F 48 1.92 56.35 21.89
C MET F 48 0.51 56.28 21.32
N ALA F 49 -0.43 55.84 22.16
CA ALA F 49 -1.81 55.74 21.71
C ALA F 49 -2.76 55.96 22.88
N VAL F 50 -3.95 56.47 22.55
CA VAL F 50 -5.09 56.44 23.46
C VAL F 50 -6.26 55.70 22.87
N ASP F 51 -6.32 55.57 21.54
CA ASP F 51 -7.40 54.88 20.84
C ASP F 51 -6.90 53.46 20.55
N MET F 52 -7.05 52.59 21.56
CA MET F 52 -6.33 51.31 21.61
C MET F 52 -6.79 50.31 20.56
N GLN F 53 -7.88 50.55 19.86
CA GLN F 53 -8.36 49.57 18.88
C GLN F 53 -7.69 49.75 17.52
N THR F 54 -7.61 50.99 17.03
CA THR F 54 -6.98 51.29 15.74
C THR F 54 -5.74 52.16 15.89
N LEU F 55 -5.29 52.40 17.11
CA LEU F 55 -3.98 53.01 17.42
C LEU F 55 -3.67 54.21 16.54
N THR F 56 -4.48 55.26 16.68
CA THR F 56 -4.14 56.52 16.05
C THR F 56 -2.96 57.13 16.79
N PRO F 57 -1.82 57.32 16.14
CA PRO F 57 -0.62 57.76 16.87
C PRO F 57 -0.79 59.17 17.43
N VAL F 58 -0.49 59.31 18.73
CA VAL F 58 -0.41 60.60 19.38
C VAL F 58 1.03 60.80 19.86
N GLY F 59 1.39 62.06 20.09
CA GLY F 59 2.77 62.35 20.41
C GLY F 59 3.67 62.08 19.21
N ARG F 60 4.89 61.61 19.50
CA ARG F 60 5.84 61.39 18.43
C ARG F 60 6.92 60.42 18.88
N LEU F 61 7.27 59.48 18.00
CA LEU F 61 8.41 58.61 18.23
C LEU F 61 9.69 59.32 17.75
N ILE F 62 10.70 59.37 18.61
CA ILE F 62 11.93 60.09 18.29
C ILE F 62 12.96 59.20 17.59
N THR F 63 12.99 57.91 17.93
CA THR F 63 13.93 56.98 17.33
C THR F 63 13.78 56.97 15.81
N ALA F 64 14.82 57.40 15.11
CA ALA F 64 14.74 57.53 13.66
C ALA F 64 14.85 56.18 12.96
N ASN F 65 15.60 55.24 13.52
CA ASN F 65 15.87 53.94 12.89
C ASN F 65 15.35 52.81 13.79
N PRO F 66 14.02 52.68 13.93
CA PRO F 66 13.49 51.59 14.78
C PRO F 66 13.43 50.28 14.01
N VAL F 67 14.61 49.71 13.76
CA VAL F 67 14.75 48.50 12.95
C VAL F 67 15.60 47.49 13.70
N ILE F 68 15.07 46.28 13.89
CA ILE F 68 15.86 45.15 14.36
C ILE F 68 16.73 44.67 13.21
N THR F 69 18.05 44.86 13.34
CA THR F 69 18.97 44.51 12.26
C THR F 69 19.34 43.02 12.24
N GLU F 70 19.49 42.41 13.41
CA GLU F 70 19.93 41.02 13.48
C GLU F 70 18.77 40.07 13.23
N SER F 71 19.10 38.91 12.68
CA SER F 71 18.15 37.81 12.54
C SER F 71 18.15 36.90 13.76
N THR F 72 19.03 37.15 14.72
CA THR F 72 19.11 36.34 15.93
C THR F 72 18.12 36.83 16.98
N GLU F 73 17.70 35.92 17.84
CA GLU F 73 16.69 36.23 18.85
C GLU F 73 17.30 36.99 20.02
N ASN F 74 16.42 37.54 20.85
CA ASN F 74 16.78 38.21 22.11
C ASN F 74 17.68 39.41 21.89
N SER F 75 17.65 40.02 20.71
CA SER F 75 18.34 41.30 20.53
C SER F 75 17.53 42.41 21.17
N LYS F 76 18.24 43.42 21.68
CA LYS F 76 17.61 44.48 22.45
C LYS F 76 17.69 45.80 21.68
N MET F 77 16.91 46.78 22.14
CA MET F 77 16.88 48.10 21.53
C MET F 77 16.27 49.10 22.51
N MET F 78 16.85 50.30 22.54
CA MET F 78 16.36 51.37 23.40
C MET F 78 15.63 52.39 22.54
N LEU F 79 14.35 52.62 22.84
CA LEU F 79 13.50 53.54 22.10
C LEU F 79 13.25 54.79 22.92
N GLU F 80 12.86 55.86 22.23
CA GLU F 80 12.54 57.12 22.88
C GLU F 80 11.35 57.75 22.17
N LEU F 81 10.33 58.12 22.94
CA LEU F 81 9.11 58.69 22.40
C LEU F 81 8.82 60.02 23.08
N ASP F 82 8.19 60.94 22.33
CA ASP F 82 7.73 62.20 22.87
C ASP F 82 6.24 62.10 23.15
N PRO F 83 5.82 61.84 24.38
CA PRO F 83 4.40 61.57 24.65
C PRO F 83 3.61 62.87 24.72
N PRO F 84 2.30 62.82 24.46
CA PRO F 84 1.47 64.00 24.64
C PRO F 84 1.23 64.27 26.12
N PHE F 85 0.67 65.45 26.39
CA PHE F 85 0.31 65.79 27.75
C PHE F 85 -0.88 64.96 28.20
N GLY F 86 -0.91 64.61 29.48
CA GLY F 86 -1.99 63.78 29.99
C GLY F 86 -1.69 62.31 29.95
N ASP F 87 -2.70 61.47 29.74
CA ASP F 87 -2.57 60.02 29.82
C ASP F 87 -2.52 59.40 28.42
N SER F 88 -1.69 58.37 28.28
CA SER F 88 -1.58 57.62 27.03
C SER F 88 -0.90 56.29 27.33
N TYR F 89 -0.76 55.48 26.29
CA TYR F 89 -0.13 54.17 26.41
C TYR F 89 1.09 54.10 25.51
N ILE F 90 2.20 53.62 26.06
CA ILE F 90 3.29 53.15 25.22
C ILE F 90 2.87 51.81 24.62
N VAL F 91 2.86 51.74 23.29
CA VAL F 91 2.48 50.51 22.59
C VAL F 91 3.65 50.06 21.76
N ILE F 92 4.25 48.92 22.14
CA ILE F 92 5.33 48.30 21.39
C ILE F 92 4.78 47.04 20.73
N GLY F 93 5.05 46.88 19.44
CA GLY F 93 4.47 45.79 18.66
C GLY F 93 3.02 46.09 18.26
N VAL F 94 2.48 45.20 17.42
CA VAL F 94 1.10 45.28 16.99
C VAL F 94 0.47 43.88 17.10
N GLY F 95 -0.86 43.86 17.10
CA GLY F 95 -1.58 42.60 17.05
C GLY F 95 -1.76 41.91 18.38
N GLU F 96 -1.83 40.58 18.33
CA GLU F 96 -2.20 39.79 19.50
C GLU F 96 -1.16 39.87 20.61
N LYS F 97 0.10 40.05 20.27
CA LYS F 97 1.18 39.93 21.25
C LYS F 97 1.74 41.29 21.68
N LYS F 98 1.11 42.39 21.30
CA LYS F 98 1.67 43.70 21.60
C LYS F 98 1.69 43.94 23.10
N ILE F 99 2.63 44.76 23.54
CA ILE F 99 2.78 45.10 24.95
C ILE F 99 2.46 46.57 25.13
N THR F 100 1.94 46.92 26.30
CA THR F 100 1.50 48.27 26.58
C THR F 100 1.96 48.68 27.98
N HIS F 101 2.03 49.99 28.19
CA HIS F 101 2.38 50.54 29.50
C HIS F 101 1.78 51.94 29.59
N HIS F 102 0.95 52.16 30.60
CA HIS F 102 0.30 53.45 30.76
C HIS F 102 1.32 54.52 31.13
N TRP F 103 1.14 55.71 30.57
CA TRP F 103 2.08 56.80 30.81
C TRP F 103 1.32 58.10 31.01
N HIS F 104 1.87 58.97 31.86
CA HIS F 104 1.31 60.29 32.10
C HIS F 104 2.42 61.33 32.05
N ARG F 105 2.24 62.34 31.22
CA ARG F 105 3.14 63.48 31.13
C ARG F 105 2.48 64.67 31.79
N SER F 106 3.13 65.22 32.81
CA SER F 106 2.60 66.35 33.54
C SER F 106 2.70 67.63 32.73
N GLY F 107 1.93 68.64 33.14
CA GLY F 107 1.95 69.92 32.48
C GLY F 107 0.88 70.05 31.41
N SER F 108 1.00 71.14 30.64
CA SER F 108 0.08 71.41 29.56
C SER F 108 0.66 72.45 28.61
#